data_6H9V
#
_entry.id   6H9V
#
_cell.length_a   54.290
_cell.length_b   83.950
_cell.length_c   65.130
_cell.angle_alpha   90.00
_cell.angle_beta   95.78
_cell.angle_gamma   90.00
#
_symmetry.space_group_name_H-M   'P 1 21 1'
#
loop_
_entity.id
_entity.type
_entity.pdbx_description
1 polymer VP1
2 non-polymer 'methyl alpha-L-fucopyranoside'
3 non-polymer 'MAGNESIUM ION'
4 water water
#
_entity_poly.entity_id   1
_entity_poly.type   'polypeptide(L)'
_entity_poly.pdbx_seq_one_letter_code
;TGSKPFTVPILTVEEMTNSRFPIPLEKLFTGPSGAFVVQPQNGRCTTDGVLLGTTQLSPVNICTFRGDVTHIAGSRNYTM
NLASLNWNNYDPTEEIPAPLGTPDFVGKIQGLLTQTTKGDGSTRGHKATVYTGSAPFTPKLGSVQFSTDTE(IAS)DFET
HQNTKFTPVGVIQDGSTTHRNEPQQWVLPSYSGRNVHNVHLAPAVAPTFPGEQLLFFRSTMPGCSGYPNMDLDCLLPQEW
VQHFYQEAAPAQSDVALLRFVNPDTGRVLFECKLHKSGYVTVAHTGQHDLVIPPNGYFRFDSWVNQFYTLAPM
;
_entity_poly.pdbx_strand_id   A,B
#
loop_
_chem_comp.id
_chem_comp.type
_chem_comp.name
_chem_comp.formula
IAS L-beta-peptide, C-gamma linking 'BETA-L-ASPARTIC ACID' 'C4 H7 N O4'
MFU L-saccharide 'methyl alpha-L-fucopyranoside' 'C7 H14 O5'
MG non-polymer 'MAGNESIUM ION' 'Mg 2'
#
# COMPACT_ATOMS: atom_id res chain seq x y z
N THR A 1 -10.86 -35.54 -10.82
CA THR A 1 -10.98 -34.35 -11.67
C THR A 1 -9.64 -34.00 -12.31
N GLY A 2 -8.83 -33.19 -11.64
CA GLY A 2 -7.53 -32.86 -12.15
C GLY A 2 -6.90 -31.69 -11.42
N SER A 3 -5.90 -31.10 -12.06
CA SER A 3 -5.22 -29.94 -11.50
C SER A 3 -6.18 -28.78 -11.27
N LYS A 4 -5.92 -28.03 -10.20
CA LYS A 4 -6.67 -26.83 -9.89
C LYS A 4 -6.57 -25.85 -11.05
N PRO A 5 -7.68 -25.33 -11.57
CA PRO A 5 -7.60 -24.38 -12.68
C PRO A 5 -6.87 -23.09 -12.33
N PHE A 6 -6.02 -22.64 -13.25
CA PHE A 6 -5.32 -21.38 -13.08
C PHE A 6 -6.20 -20.18 -13.45
N THR A 7 -6.00 -19.07 -12.71
CA THR A 7 -6.72 -17.82 -12.94
C THR A 7 -5.83 -16.63 -12.58
N VAL A 8 -6.18 -15.47 -13.12
CA VAL A 8 -5.63 -14.19 -12.67
C VAL A 8 -6.76 -13.33 -12.13
N PRO A 9 -6.45 -12.35 -11.27
CA PRO A 9 -7.48 -11.42 -10.79
C PRO A 9 -8.17 -10.65 -11.91
N ILE A 10 -9.41 -10.23 -11.65
CA ILE A 10 -10.18 -9.45 -12.62
C ILE A 10 -10.12 -7.96 -12.35
N LEU A 11 -9.35 -7.52 -11.36
CA LEU A 11 -9.18 -6.09 -11.10
C LEU A 11 -8.62 -5.41 -12.34
N THR A 12 -9.03 -4.17 -12.55
CA THR A 12 -8.51 -3.44 -13.69
C THR A 12 -7.12 -2.94 -13.37
N VAL A 13 -6.41 -2.50 -14.41
CA VAL A 13 -5.06 -1.98 -14.23
C VAL A 13 -5.07 -0.86 -13.20
N GLU A 14 -6.02 0.10 -13.32
CA GLU A 14 -6.03 1.22 -12.41
C GLU A 14 -6.51 0.88 -11.01
N GLU A 15 -7.07 -0.31 -10.79
CA GLU A 15 -7.43 -0.77 -9.45
C GLU A 15 -6.31 -1.55 -8.75
N MET A 16 -5.18 -1.75 -9.40
CA MET A 16 -4.11 -2.59 -8.87
C MET A 16 -2.90 -1.73 -8.53
N THR A 17 -1.95 -2.36 -7.82
CA THR A 17 -0.81 -1.70 -7.17
C THR A 17 0.49 -2.14 -7.81
N ASN A 18 1.41 -1.18 -8.00
CA ASN A 18 2.75 -1.51 -8.45
C ASN A 18 3.46 -2.40 -7.42
N SER A 19 4.15 -3.45 -7.89
CA SER A 19 4.84 -4.37 -7.00
C SER A 19 6.27 -3.90 -6.65
N ARG A 20 6.71 -2.78 -7.20
CA ARG A 20 8.06 -2.27 -6.93
C ARG A 20 8.09 -0.95 -6.17
N PHE A 21 6.92 -0.35 -5.89
CA PHE A 21 6.81 0.89 -5.10
C PHE A 21 5.35 1.01 -4.70
N PRO A 22 5.02 1.53 -3.51
CA PRO A 22 3.61 1.48 -3.02
C PRO A 22 2.70 2.56 -3.59
N ILE A 23 2.43 2.42 -4.89
CA ILE A 23 1.60 3.37 -5.62
C ILE A 23 0.73 2.61 -6.61
N PRO A 24 -0.40 3.22 -7.03
CA PRO A 24 -1.26 2.54 -8.01
C PRO A 24 -0.60 2.38 -9.37
N LEU A 25 -1.02 1.34 -10.07
CA LEU A 25 -0.74 1.24 -11.50
C LEU A 25 -1.54 2.28 -12.28
N GLU A 26 -1.00 2.68 -13.45
CA GLU A 26 -1.62 3.69 -14.29
C GLU A 26 -1.82 3.25 -15.75
N LYS A 27 -0.93 2.41 -16.28
CA LYS A 27 -0.94 2.11 -17.71
C LYS A 27 -0.08 0.90 -17.99
N LEU A 28 -0.13 0.44 -19.23
CA LEU A 28 0.72 -0.64 -19.72
C LEU A 28 1.75 -0.05 -20.68
N PHE A 29 2.92 -0.66 -20.72
CA PHE A 29 4.06 -0.17 -21.48
C PHE A 29 4.82 -1.32 -22.10
N THR A 30 5.31 -1.16 -23.32
CA THR A 30 6.20 -2.16 -23.90
C THR A 30 7.35 -1.47 -24.61
N GLY A 31 8.53 -2.07 -24.54
CA GLY A 31 9.67 -1.64 -25.32
C GLY A 31 10.81 -2.66 -25.32
N PRO A 32 11.79 -2.48 -26.20
CA PRO A 32 13.00 -3.31 -26.15
C PRO A 32 13.88 -2.93 -24.95
N SER A 33 14.60 -3.92 -24.42
N SER A 33 14.60 -3.92 -24.42
CA SER A 33 15.37 -3.69 -23.21
CA SER A 33 15.38 -3.70 -23.21
C SER A 33 16.53 -2.73 -23.44
C SER A 33 16.52 -2.72 -23.44
N GLY A 34 17.05 -2.67 -24.66
CA GLY A 34 18.13 -1.74 -24.94
C GLY A 34 19.40 -2.11 -24.20
N ALA A 35 20.00 -1.12 -23.57
CA ALA A 35 21.27 -1.29 -22.88
C ALA A 35 21.10 -1.95 -21.53
N PHE A 36 19.88 -2.01 -21.00
CA PHE A 36 19.68 -2.54 -19.67
C PHE A 36 19.21 -3.99 -19.72
N VAL A 37 19.42 -4.67 -18.61
CA VAL A 37 18.91 -6.01 -18.37
C VAL A 37 17.79 -5.88 -17.33
N VAL A 38 16.66 -6.52 -17.61
CA VAL A 38 15.49 -6.45 -16.75
C VAL A 38 15.58 -7.58 -15.72
N GLN A 39 15.97 -7.23 -14.49
CA GLN A 39 16.14 -8.20 -13.41
C GLN A 39 15.62 -7.59 -12.09
N PRO A 40 14.38 -7.09 -12.05
CA PRO A 40 13.85 -6.57 -10.78
C PRO A 40 13.70 -7.67 -9.75
N GLN A 41 13.74 -7.28 -8.47
CA GLN A 41 13.70 -8.26 -7.38
C GLN A 41 12.41 -8.21 -6.57
N ASN A 42 11.67 -7.11 -6.64
CA ASN A 42 10.32 -7.04 -6.11
C ASN A 42 9.35 -7.30 -7.25
N GLY A 43 8.18 -7.81 -6.90
CA GLY A 43 7.19 -8.19 -7.90
C GLY A 43 7.56 -9.45 -8.67
N ARG A 44 8.19 -10.40 -8.01
CA ARG A 44 8.67 -11.62 -8.65
C ARG A 44 8.04 -12.84 -7.99
N CYS A 45 7.30 -13.61 -8.77
CA CYS A 45 6.51 -14.73 -8.27
C CYS A 45 6.17 -15.62 -9.44
N THR A 46 6.30 -16.93 -9.26
CA THR A 46 5.86 -17.85 -10.29
C THR A 46 4.34 -17.96 -10.31
N THR A 47 3.81 -18.47 -11.43
CA THR A 47 2.36 -18.59 -11.53
C THR A 47 1.78 -19.62 -10.56
N ASP A 48 2.56 -20.60 -10.07
CA ASP A 48 2.06 -21.48 -9.02
C ASP A 48 2.47 -21.00 -7.62
N GLY A 49 2.88 -19.75 -7.47
CA GLY A 49 2.88 -19.09 -6.18
C GLY A 49 4.18 -19.12 -5.40
N VAL A 50 5.32 -19.34 -6.05
CA VAL A 50 6.62 -19.32 -5.39
C VAL A 50 7.20 -17.90 -5.48
N LEU A 51 7.42 -17.28 -4.32
CA LEU A 51 8.01 -15.94 -4.29
C LEU A 51 9.50 -16.01 -4.56
N LEU A 52 10.01 -14.98 -5.26
CA LEU A 52 11.41 -14.90 -5.70
C LEU A 52 12.02 -13.57 -5.29
N GLY A 53 13.36 -13.53 -5.31
CA GLY A 53 14.06 -12.27 -5.06
C GLY A 53 13.80 -11.76 -3.65
N THR A 54 13.49 -10.47 -3.56
CA THR A 54 13.13 -9.81 -2.31
C THR A 54 11.62 -9.67 -2.16
N THR A 55 10.85 -10.46 -2.89
CA THR A 55 9.42 -10.21 -2.94
C THR A 55 8.71 -10.71 -1.68
N GLN A 56 7.80 -9.87 -1.17
CA GLN A 56 6.93 -10.20 -0.06
C GLN A 56 5.50 -9.77 -0.41
N LEU A 57 4.56 -10.02 0.50
CA LEU A 57 3.14 -10.01 0.13
C LEU A 57 2.44 -8.68 0.37
N SER A 58 2.99 -7.78 1.16
CA SER A 58 2.30 -6.54 1.54
C SER A 58 2.54 -5.44 0.52
N PRO A 59 1.50 -4.82 -0.04
CA PRO A 59 1.72 -3.70 -0.95
C PRO A 59 2.30 -2.47 -0.30
N VAL A 60 2.05 -2.26 0.99
CA VAL A 60 2.51 -1.05 1.64
C VAL A 60 3.88 -1.20 2.28
N ASN A 61 4.46 -2.42 2.34
CA ASN A 61 5.82 -2.59 2.87
C ASN A 61 6.89 -2.52 1.80
N ILE A 62 6.53 -2.35 0.54
CA ILE A 62 7.52 -2.23 -0.52
C ILE A 62 8.31 -0.94 -0.33
N CYS A 63 9.64 -1.06 -0.37
CA CYS A 63 10.59 0.05 -0.20
C CYS A 63 10.52 0.68 1.20
N THR A 64 10.02 -0.05 2.19
CA THR A 64 10.11 0.37 3.58
C THR A 64 11.36 -0.22 4.24
N PHE A 65 11.79 0.44 5.31
CA PHE A 65 12.83 -0.08 6.20
C PHE A 65 12.39 0.07 7.65
N ARG A 66 12.84 -0.87 8.49
CA ARG A 66 12.56 -0.83 9.91
C ARG A 66 13.82 -1.19 10.69
N GLY A 67 14.00 -0.60 11.86
CA GLY A 67 15.11 -0.98 12.71
C GLY A 67 15.37 0.08 13.78
N ASP A 68 16.59 0.06 14.32
CA ASP A 68 17.03 1.08 15.25
C ASP A 68 18.11 1.93 14.59
N VAL A 69 18.28 3.17 15.09
CA VAL A 69 19.16 4.11 14.42
C VAL A 69 20.21 4.66 15.37
N THR A 70 21.32 5.10 14.77
N THR A 70 21.35 5.03 14.78
CA THR A 70 22.40 5.80 15.45
CA THR A 70 22.43 5.71 15.48
C THR A 70 22.81 6.99 14.61
C THR A 70 22.81 6.96 14.72
N HIS A 71 22.95 8.16 15.25
N HIS A 71 23.60 7.81 15.37
CA HIS A 71 23.36 9.38 14.57
CA HIS A 71 23.77 9.19 14.96
C HIS A 71 24.86 9.35 14.26
C HIS A 71 25.14 9.69 15.39
N ILE A 72 25.22 9.87 13.08
N ILE A 72 25.90 10.23 14.44
N ILE A 72 25.26 9.95 13.59
CA ILE A 72 26.62 10.07 12.72
CA ILE A 72 27.12 10.96 14.77
CA ILE A 72 26.47 10.06 12.79
C ILE A 72 27.01 11.48 13.12
C ILE A 72 26.71 12.35 15.21
C ILE A 72 27.10 11.44 12.99
N ALA A 73 27.92 11.60 14.09
N ALA A 73 27.13 12.75 16.42
CA ALA A 73 28.33 12.89 14.61
CA ALA A 73 26.79 14.06 16.96
C ALA A 73 28.90 13.77 13.51
C ALA A 73 26.95 15.15 15.91
N GLY A 74 28.58 15.06 13.59
N GLY A 74 25.99 16.06 15.86
CA GLY A 74 29.08 16.02 12.62
CA GLY A 74 26.03 17.17 14.91
C GLY A 74 28.36 16.00 11.30
C GLY A 74 25.34 16.91 13.59
N SER A 75 27.10 15.55 11.29
N SER A 75 25.82 15.92 12.84
CA SER A 75 26.33 15.39 10.07
CA SER A 75 25.37 15.68 11.47
C SER A 75 24.86 15.35 10.44
C SER A 75 23.86 15.53 11.36
N ARG A 76 24.01 15.41 9.40
N ARG A 76 23.35 15.44 10.13
CA ARG A 76 22.58 15.22 9.54
CA ARG A 76 21.95 15.14 9.87
C ARG A 76 22.15 13.82 9.09
C ARG A 76 21.74 13.71 9.40
N ASN A 77 22.98 12.81 9.32
N ASN A 77 22.79 12.89 9.36
CA ASN A 77 22.74 11.47 8.80
CA ASN A 77 22.70 11.52 8.88
C ASN A 77 22.64 10.45 9.93
C ASN A 77 22.45 10.55 10.02
N TYR A 78 21.82 9.43 9.69
CA TYR A 78 21.56 8.34 10.62
C TYR A 78 21.84 7.00 9.95
N THR A 79 22.47 6.08 10.67
CA THR A 79 22.62 4.69 10.24
C THR A 79 21.54 3.85 10.89
N MET A 80 20.82 3.06 10.08
CA MET A 80 19.78 2.16 10.58
C MET A 80 20.29 0.73 10.54
N ASN A 81 20.23 0.07 11.70
CA ASN A 81 20.49 -1.37 11.82
C ASN A 81 19.16 -2.08 11.57
N LEU A 82 19.11 -2.83 10.48
CA LEU A 82 17.84 -3.29 9.94
C LEU A 82 17.26 -4.49 10.68
N ALA A 83 15.94 -4.47 10.84
CA ALA A 83 15.11 -5.60 11.21
C ALA A 83 14.25 -6.02 10.02
N SER A 84 13.62 -7.19 10.14
N SER A 84 13.60 -7.17 10.18
CA SER A 84 12.69 -7.59 9.09
CA SER A 84 12.65 -7.66 9.18
C SER A 84 11.35 -6.88 9.26
C SER A 84 11.39 -6.81 9.19
N LEU A 85 10.49 -7.04 8.25
N LEU A 85 10.49 -7.10 8.25
CA LEU A 85 9.26 -6.25 8.12
CA LEU A 85 9.25 -6.34 8.09
C LEU A 85 8.26 -6.44 9.25
C LEU A 85 8.36 -6.39 9.33
N ASN A 86 8.40 -7.49 10.08
CA ASN A 86 7.55 -7.67 11.25
C ASN A 86 8.35 -7.53 12.54
N TRP A 87 9.50 -6.86 12.47
CA TRP A 87 10.39 -6.53 13.59
C TRP A 87 11.16 -7.76 14.08
N ASN A 88 11.07 -8.88 13.39
CA ASN A 88 11.94 -10.00 13.72
C ASN A 88 13.39 -9.65 13.37
N ASN A 89 14.30 -10.33 14.04
CA ASN A 89 15.72 -10.12 13.76
C ASN A 89 16.01 -10.47 12.31
N TYR A 90 16.82 -9.62 11.65
CA TYR A 90 17.27 -9.89 10.28
C TYR A 90 18.63 -10.57 10.31
N ASP A 91 18.71 -11.71 9.63
CA ASP A 91 19.90 -12.57 9.57
C ASP A 91 20.57 -12.44 8.20
N PRO A 92 21.76 -11.84 8.10
CA PRO A 92 22.41 -11.67 6.79
C PRO A 92 22.78 -12.97 6.08
N THR A 93 22.74 -14.11 6.78
CA THR A 93 23.02 -15.41 6.16
C THR A 93 21.77 -16.06 5.57
N GLU A 94 20.59 -15.45 5.75
CA GLU A 94 19.41 -15.96 5.06
C GLU A 94 19.62 -15.89 3.55
N GLU A 95 19.07 -16.87 2.83
CA GLU A 95 19.37 -17.02 1.39
C GLU A 95 18.41 -16.16 0.56
N ILE A 96 18.57 -14.85 0.75
CA ILE A 96 17.82 -13.83 -0.01
C ILE A 96 18.81 -12.72 -0.35
N PRO A 97 18.49 -11.89 -1.36
CA PRO A 97 19.45 -10.85 -1.75
C PRO A 97 19.64 -9.76 -0.70
N ALA A 98 18.64 -9.53 0.14
CA ALA A 98 18.51 -8.40 1.06
C ALA A 98 17.20 -8.60 1.83
N PRO A 99 16.92 -7.82 2.87
CA PRO A 99 15.63 -7.95 3.56
C PRO A 99 14.49 -7.82 2.57
N LEU A 100 13.44 -8.62 2.76
CA LEU A 100 12.31 -8.57 1.83
C LEU A 100 11.73 -7.16 1.80
N GLY A 101 11.39 -6.71 0.59
CA GLY A 101 10.89 -5.38 0.34
C GLY A 101 11.92 -4.29 0.13
N THR A 102 13.21 -4.58 0.30
CA THR A 102 14.26 -3.61 0.02
C THR A 102 14.10 -3.04 -1.39
N PRO A 103 14.33 -1.75 -1.61
CA PRO A 103 14.32 -1.21 -2.99
C PRO A 103 15.23 -1.99 -3.93
N ASP A 104 14.79 -2.14 -5.20
CA ASP A 104 15.52 -2.93 -6.19
C ASP A 104 16.01 -2.09 -7.37
N PHE A 105 16.21 -0.79 -7.16
CA PHE A 105 16.75 0.08 -8.19
C PHE A 105 17.67 1.12 -7.55
N VAL A 106 18.56 1.67 -8.37
CA VAL A 106 19.46 2.73 -7.94
C VAL A 106 18.76 4.09 -8.07
N GLY A 107 18.64 4.80 -6.95
CA GLY A 107 18.02 6.10 -6.95
C GLY A 107 17.97 6.65 -5.54
N LYS A 108 17.45 7.86 -5.44
CA LYS A 108 17.36 8.58 -4.19
C LYS A 108 15.90 8.63 -3.78
N ILE A 109 15.55 7.84 -2.77
CA ILE A 109 14.16 7.68 -2.34
C ILE A 109 13.91 8.54 -1.11
N GLN A 110 12.92 9.42 -1.19
CA GLN A 110 12.57 10.30 -0.09
C GLN A 110 11.27 9.86 0.56
N GLY A 111 11.20 10.03 1.87
CA GLY A 111 10.00 9.72 2.63
C GLY A 111 10.08 10.32 4.01
N LEU A 112 9.48 9.68 5.01
N LEU A 112 9.43 9.68 4.99
CA LEU A 112 9.63 10.10 6.40
CA LEU A 112 9.40 10.15 6.36
C LEU A 112 10.22 8.97 7.24
C LEU A 112 9.93 9.06 7.27
N LEU A 113 11.17 9.32 8.09
N LEU A 113 10.85 9.43 8.16
CA LEU A 113 11.57 8.47 9.21
CA LEU A 113 11.47 8.52 9.12
C LEU A 113 10.71 8.82 10.41
C LEU A 113 10.85 8.80 10.49
N THR A 114 10.13 7.80 11.04
CA THR A 114 9.34 7.99 12.26
C THR A 114 9.79 7.03 13.35
N GLN A 115 9.53 7.44 14.59
CA GLN A 115 9.98 6.69 15.75
C GLN A 115 9.03 6.90 16.92
N THR A 116 8.86 5.84 17.71
CA THR A 116 8.11 5.88 18.97
C THR A 116 9.05 5.45 20.08
N THR A 117 9.04 6.20 21.18
CA THR A 117 9.72 5.78 22.41
C THR A 117 8.80 4.84 23.17
N LYS A 118 9.24 3.60 23.39
CA LYS A 118 8.38 2.58 23.97
C LYS A 118 7.87 2.98 25.35
N GLY A 119 8.74 3.58 26.15
CA GLY A 119 8.41 3.82 27.55
C GLY A 119 7.17 4.66 27.75
N ASP A 120 7.04 5.77 27.00
CA ASP A 120 5.97 6.73 27.24
C ASP A 120 5.11 7.01 26.02
N GLY A 121 5.41 6.39 24.88
CA GLY A 121 4.63 6.63 23.69
C GLY A 121 4.86 7.98 23.02
N SER A 122 5.95 8.68 23.34
CA SER A 122 6.31 9.89 22.61
C SER A 122 6.79 9.53 21.21
N THR A 123 6.56 10.43 20.25
CA THR A 123 6.78 10.12 18.84
C THR A 123 7.41 11.31 18.13
N ARG A 124 8.01 11.04 16.97
CA ARG A 124 8.75 12.04 16.21
C ARG A 124 8.89 11.57 14.78
N GLY A 125 9.01 12.52 13.85
CA GLY A 125 9.06 12.18 12.44
C GLY A 125 9.75 13.26 11.64
N HIS A 126 10.62 12.87 10.70
CA HIS A 126 11.40 13.83 9.94
C HIS A 126 11.59 13.36 8.50
N LYS A 127 11.60 14.31 7.58
CA LYS A 127 11.86 13.99 6.18
C LYS A 127 13.25 13.37 6.05
N ALA A 128 13.35 12.32 5.24
CA ALA A 128 14.59 11.56 5.11
C ALA A 128 14.71 10.98 3.71
N THR A 129 15.96 10.79 3.28
CA THR A 129 16.28 10.26 1.96
C THR A 129 17.30 9.14 2.09
N VAL A 130 17.10 8.08 1.30
CA VAL A 130 18.09 7.01 1.19
C VAL A 130 18.59 6.94 -0.25
N TYR A 131 19.92 6.88 -0.38
N TYR A 131 19.93 7.01 -0.42
CA TYR A 131 20.61 6.87 -1.68
CA TYR A 131 20.52 6.88 -1.76
C TYR A 131 21.04 5.42 -1.93
C TYR A 131 20.98 5.45 -1.92
N THR A 132 20.26 4.69 -2.74
CA THR A 132 20.52 3.26 -2.86
C THR A 132 21.74 2.95 -3.71
N GLY A 133 22.33 3.95 -4.37
CA GLY A 133 23.59 3.82 -5.08
C GLY A 133 24.81 4.15 -4.27
N SER A 134 24.64 4.62 -3.03
CA SER A 134 25.74 5.11 -2.21
C SER A 134 26.48 3.95 -1.54
N ALA A 135 27.75 4.19 -1.20
CA ALA A 135 28.52 3.15 -0.53
C ALA A 135 27.90 2.68 0.78
N PRO A 136 27.29 3.54 1.61
CA PRO A 136 26.68 3.05 2.87
C PRO A 136 25.38 2.26 2.69
N PHE A 137 24.88 2.07 1.46
CA PHE A 137 23.67 1.28 1.22
C PHE A 137 24.08 -0.18 1.19
N THR A 138 24.01 -0.84 2.35
CA THR A 138 24.45 -2.23 2.50
C THR A 138 23.37 -3.04 3.23
N PRO A 139 22.14 -3.08 2.69
CA PRO A 139 21.05 -3.78 3.39
C PRO A 139 21.30 -5.27 3.60
N LYS A 140 22.00 -5.94 2.68
CA LYS A 140 22.29 -7.36 2.88
C LYS A 140 23.18 -7.56 4.10
N LEU A 141 24.04 -6.59 4.41
CA LEU A 141 24.86 -6.63 5.61
C LEU A 141 24.09 -6.16 6.84
N GLY A 142 22.90 -5.61 6.66
CA GLY A 142 22.06 -5.21 7.77
C GLY A 142 22.07 -3.73 8.12
N SER A 143 22.58 -2.86 7.25
CA SER A 143 22.49 -1.45 7.57
C SER A 143 22.42 -0.58 6.32
N VAL A 144 21.74 0.56 6.48
CA VAL A 144 21.69 1.60 5.46
C VAL A 144 21.79 2.94 6.16
N GLN A 145 22.08 3.98 5.38
CA GLN A 145 22.21 5.33 5.91
C GLN A 145 21.12 6.21 5.32
N PHE A 146 20.58 7.11 6.16
CA PHE A 146 19.59 8.10 5.76
C PHE A 146 20.14 9.49 6.00
N SER A 147 19.83 10.42 5.09
N SER A 147 19.86 10.40 5.06
CA SER A 147 20.10 11.83 5.31
CA SER A 147 20.05 11.82 5.27
C SER A 147 18.79 12.54 5.65
C SER A 147 18.73 12.44 5.74
N THR A 148 18.80 13.38 6.69
CA THR A 148 17.61 14.07 7.14
C THR A 148 17.84 15.56 7.00
N ASP A 149 16.75 16.33 7.11
CA ASP A 149 16.82 17.74 6.78
C ASP A 149 17.21 18.63 7.94
N THR A 150 17.10 18.14 9.18
CA THR A 150 17.37 18.93 10.37
C THR A 150 18.47 18.29 11.20
N GLU A 151 19.40 19.10 11.68
CA GLU A 151 20.32 18.66 12.73
C GLU A 151 19.42 18.25 13.89
N IAS A 152 19.94 17.60 14.90
CA IAS A 152 19.05 16.92 15.87
C IAS A 152 18.86 17.74 17.11
O IAS A 152 19.68 18.57 17.48
CB IAS A 152 19.61 15.54 16.21
CG IAS A 152 18.58 14.86 17.09
OD1 IAS A 152 18.95 14.40 18.16
OXT IAS A 152 17.74 17.56 17.82
H IAS A 152 20.49 18.24 15.50
HA IAS A 152 18.07 16.79 15.40
HB2 IAS A 152 20.56 15.64 16.73
HB3 IAS A 152 19.78 14.97 15.31
HXT IAS A 152 17.18 18.35 17.73
N ASP A 153 17.14 14.61 16.95
CA ASP A 153 16.28 14.26 18.07
C ASP A 153 15.94 12.74 18.09
N PHE A 154 16.37 11.95 17.09
CA PHE A 154 16.09 10.51 17.13
C PHE A 154 16.91 9.83 18.23
N GLU A 155 16.27 8.87 18.91
N GLU A 155 16.26 8.92 18.94
CA GLU A 155 16.85 8.17 20.05
CA GLU A 155 16.88 8.18 20.03
C GLU A 155 17.37 6.79 19.63
C GLU A 155 17.54 6.91 19.50
N THR A 156 18.40 6.33 20.33
CA THR A 156 18.92 4.99 20.09
C THR A 156 18.02 3.96 20.76
N HIS A 157 18.13 2.72 20.28
CA HIS A 157 17.41 1.57 20.85
C HIS A 157 15.91 1.79 20.89
N GLN A 158 15.36 2.47 19.88
CA GLN A 158 13.92 2.64 19.74
C GLN A 158 13.50 2.33 18.31
N ASN A 159 12.37 1.64 18.18
CA ASN A 159 11.85 1.23 16.87
C ASN A 159 11.64 2.42 15.94
N THR A 160 12.19 2.31 14.74
CA THR A 160 12.21 3.39 13.76
C THR A 160 11.80 2.84 12.41
N LYS A 161 10.97 3.59 11.68
CA LYS A 161 10.41 3.15 10.40
C LYS A 161 10.66 4.19 9.33
N PHE A 162 11.04 3.73 8.14
CA PHE A 162 11.06 4.58 6.93
C PHE A 162 9.85 4.24 6.05
N THR A 163 9.03 5.26 5.79
CA THR A 163 7.89 5.16 4.85
C THR A 163 8.26 5.89 3.56
N PRO A 164 8.37 5.20 2.43
CA PRO A 164 8.76 5.88 1.18
C PRO A 164 7.60 6.68 0.63
N VAL A 165 7.93 7.80 -0.04
CA VAL A 165 6.95 8.62 -0.72
C VAL A 165 7.26 8.79 -2.21
N GLY A 166 8.49 9.11 -2.55
CA GLY A 166 8.81 9.38 -3.94
C GLY A 166 10.31 9.40 -4.17
N VAL A 167 10.73 10.01 -5.29
CA VAL A 167 12.14 10.01 -5.66
C VAL A 167 12.59 11.45 -5.93
N ILE A 168 13.91 11.66 -5.82
CA ILE A 168 14.53 12.94 -6.11
C ILE A 168 15.66 12.77 -7.11
N GLN A 169 16.10 13.89 -7.66
CA GLN A 169 17.27 13.97 -8.53
C GLN A 169 18.05 15.22 -8.16
N ASP A 170 19.38 15.10 -8.18
CA ASP A 170 20.27 16.23 -7.85
C ASP A 170 21.69 15.84 -8.22
N GLY A 171 22.58 16.83 -8.22
CA GLY A 171 23.98 16.58 -8.54
C GLY A 171 24.25 16.33 -10.01
N SER A 172 23.39 16.83 -10.89
CA SER A 172 23.54 16.60 -12.33
C SER A 172 22.93 17.77 -13.08
N THR A 173 23.59 18.17 -14.17
CA THR A 173 23.01 19.12 -15.09
C THR A 173 22.10 18.48 -16.13
N THR A 174 22.03 17.15 -16.18
CA THR A 174 21.18 16.46 -17.14
C THR A 174 19.92 15.98 -16.44
N HIS A 175 18.77 16.40 -16.94
CA HIS A 175 17.49 16.05 -16.31
C HIS A 175 17.16 14.59 -16.58
N ARG A 176 16.48 13.97 -15.60
CA ARG A 176 15.93 12.62 -15.72
C ARG A 176 17.00 11.55 -15.86
N ASN A 177 18.21 11.82 -15.35
CA ASN A 177 19.32 10.88 -15.40
C ASN A 177 19.22 9.82 -14.32
N GLU A 178 18.37 10.04 -13.33
CA GLU A 178 18.17 9.14 -12.21
C GLU A 178 16.75 9.35 -11.72
N PRO A 179 16.14 8.38 -11.04
CA PRO A 179 16.62 7.00 -10.81
C PRO A 179 16.85 6.22 -12.10
N GLN A 180 17.51 5.07 -11.99
CA GLN A 180 17.77 4.11 -13.08
C GLN A 180 17.06 2.83 -12.67
N GLN A 181 15.82 2.66 -13.13
CA GLN A 181 14.96 1.62 -12.57
C GLN A 181 15.45 0.19 -12.88
N TRP A 182 16.28 0.00 -13.90
CA TRP A 182 16.78 -1.34 -14.23
C TRP A 182 18.21 -1.58 -13.75
N VAL A 183 18.80 -0.68 -12.98
CA VAL A 183 20.12 -0.91 -12.40
C VAL A 183 19.93 -1.35 -10.95
N LEU A 184 20.34 -2.59 -10.65
CA LEU A 184 20.21 -3.11 -9.29
C LEU A 184 21.21 -2.43 -8.35
N PRO A 185 20.81 -2.15 -7.13
CA PRO A 185 21.80 -1.75 -6.12
C PRO A 185 22.78 -2.89 -5.88
N SER A 186 23.93 -2.52 -5.28
CA SER A 186 24.85 -3.51 -4.70
C SER A 186 24.48 -3.70 -3.24
N TYR A 187 23.75 -4.78 -2.95
CA TYR A 187 23.13 -4.92 -1.64
C TYR A 187 24.16 -5.09 -0.51
N SER A 188 25.40 -5.53 -0.81
CA SER A 188 26.48 -5.63 0.16
C SER A 188 27.62 -4.64 -0.09
N GLY A 189 27.42 -3.66 -0.96
CA GLY A 189 28.47 -2.79 -1.45
C GLY A 189 29.05 -3.28 -2.78
N ARG A 190 29.58 -2.34 -3.57
N ARG A 190 29.59 -2.33 -3.57
CA ARG A 190 29.87 -2.60 -4.98
CA ARG A 190 29.88 -2.58 -4.98
C ARG A 190 30.98 -3.61 -5.21
C ARG A 190 31.00 -3.59 -5.23
N ASN A 191 31.92 -3.82 -4.28
CA ASN A 191 32.95 -4.81 -4.53
C ASN A 191 32.55 -6.24 -4.14
N VAL A 192 31.26 -6.49 -3.83
CA VAL A 192 30.69 -7.83 -3.57
C VAL A 192 29.51 -8.07 -4.51
N HIS A 193 29.45 -9.26 -5.13
CA HIS A 193 28.32 -9.57 -6.00
C HIS A 193 27.03 -9.82 -5.22
N ASN A 194 25.92 -9.50 -5.86
CA ASN A 194 24.60 -9.83 -5.30
C ASN A 194 24.34 -11.33 -5.35
N VAL A 195 23.49 -11.83 -4.44
CA VAL A 195 23.22 -13.26 -4.34
C VAL A 195 21.72 -13.55 -4.31
N HIS A 196 21.39 -14.79 -4.72
CA HIS A 196 20.03 -15.34 -4.59
C HIS A 196 18.98 -14.51 -5.34
N LEU A 197 19.38 -13.95 -6.46
CA LEU A 197 18.53 -13.07 -7.25
C LEU A 197 17.45 -13.83 -8.00
N ALA A 198 16.28 -13.22 -8.11
CA ALA A 198 15.36 -13.63 -9.14
C ALA A 198 16.01 -13.40 -10.51
N PRO A 199 15.82 -14.28 -11.48
CA PRO A 199 16.58 -14.18 -12.73
C PRO A 199 16.17 -13.02 -13.62
N ALA A 200 17.07 -12.66 -14.52
CA ALA A 200 16.73 -11.70 -15.56
C ALA A 200 15.69 -12.29 -16.51
N VAL A 201 14.85 -11.41 -17.06
CA VAL A 201 13.83 -11.82 -18.02
C VAL A 201 14.02 -11.07 -19.33
N ALA A 202 13.58 -11.70 -20.40
CA ALA A 202 13.73 -11.20 -21.77
C ALA A 202 12.80 -11.98 -22.68
N PRO A 203 12.33 -11.36 -23.77
CA PRO A 203 11.52 -12.12 -24.70
C PRO A 203 12.39 -13.15 -25.41
N THR A 204 11.89 -14.38 -25.49
CA THR A 204 12.66 -15.45 -26.11
C THR A 204 12.08 -15.88 -27.45
N PHE A 205 10.99 -15.28 -27.88
CA PHE A 205 10.25 -15.68 -29.06
C PHE A 205 10.37 -14.56 -30.09
N PRO A 206 10.69 -14.86 -31.35
CA PRO A 206 10.93 -13.78 -32.32
C PRO A 206 9.73 -12.89 -32.49
N GLY A 207 9.96 -11.59 -32.49
CA GLY A 207 8.90 -10.62 -32.65
C GLY A 207 8.19 -10.22 -31.37
N GLU A 208 8.60 -10.74 -30.21
CA GLU A 208 7.94 -10.41 -28.95
C GLU A 208 8.76 -9.41 -28.14
N GLN A 209 8.05 -8.71 -27.26
CA GLN A 209 8.62 -7.76 -26.29
C GLN A 209 8.00 -8.04 -24.93
N LEU A 210 8.71 -7.63 -23.88
CA LEU A 210 8.13 -7.63 -22.54
C LEU A 210 6.98 -6.63 -22.47
N LEU A 211 5.93 -7.00 -21.74
CA LEU A 211 4.83 -6.09 -21.35
C LEU A 211 4.96 -5.73 -19.87
N PHE A 212 4.94 -4.44 -19.56
CA PHE A 212 5.11 -3.94 -18.22
C PHE A 212 3.85 -3.25 -17.69
N PHE A 213 3.68 -3.32 -16.38
CA PHE A 213 2.66 -2.58 -15.66
C PHE A 213 3.31 -1.34 -15.07
N ARG A 214 2.88 -0.16 -15.50
CA ARG A 214 3.66 1.06 -15.28
C ARG A 214 2.96 2.05 -14.35
N SER A 215 3.75 2.70 -13.49
CA SER A 215 3.34 3.81 -12.65
C SER A 215 4.29 4.98 -12.83
N THR A 216 3.85 6.13 -12.32
CA THR A 216 4.69 7.34 -12.22
C THR A 216 4.94 7.60 -10.73
N MET A 217 6.19 7.47 -10.31
CA MET A 217 6.52 7.71 -8.90
C MET A 217 6.41 9.20 -8.59
N PRO A 218 5.91 9.57 -7.40
CA PRO A 218 5.95 10.98 -7.03
C PRO A 218 7.40 11.47 -7.02
N GLY A 219 7.57 12.73 -7.42
CA GLY A 219 8.88 13.40 -7.38
C GLY A 219 8.89 14.40 -6.25
N CYS A 220 10.01 14.45 -5.50
CA CYS A 220 10.09 15.27 -4.29
C CYS A 220 11.13 16.38 -4.38
N SER A 221 11.91 16.45 -5.45
CA SER A 221 12.96 17.44 -5.65
C SER A 221 13.71 17.19 -6.95
N GLY A 222 14.07 18.26 -7.65
CA GLY A 222 14.85 18.10 -8.86
C GLY A 222 14.02 17.65 -10.04
N TYR A 223 14.68 16.98 -10.99
CA TYR A 223 14.11 16.56 -12.27
C TYR A 223 14.29 15.06 -12.45
N PRO A 224 13.63 14.25 -11.62
CA PRO A 224 13.84 12.79 -11.69
C PRO A 224 13.11 12.15 -12.86
N ASN A 225 13.61 10.97 -13.24
CA ASN A 225 12.88 10.04 -14.10
C ASN A 225 11.93 9.28 -13.23
N MET A 226 10.63 9.54 -13.39
CA MET A 226 9.63 8.96 -12.50
C MET A 226 8.96 7.71 -13.04
N ASP A 227 9.40 7.18 -14.20
CA ASP A 227 8.80 5.95 -14.72
C ASP A 227 9.18 4.75 -13.87
N LEU A 228 8.20 3.88 -13.57
CA LEU A 228 8.47 2.65 -12.85
C LEU A 228 7.63 1.50 -13.39
N ASP A 229 8.30 0.50 -13.96
CA ASP A 229 7.69 -0.65 -14.61
C ASP A 229 7.80 -1.89 -13.73
N CYS A 230 6.72 -2.63 -13.55
CA CYS A 230 6.83 -3.91 -12.86
C CYS A 230 6.34 -5.06 -13.74
N LEU A 231 6.76 -6.28 -13.41
CA LEU A 231 6.47 -7.44 -14.23
C LEU A 231 5.10 -8.04 -13.91
N LEU A 232 4.62 -7.86 -12.68
CA LEU A 232 3.35 -8.38 -12.16
C LEU A 232 2.76 -7.39 -11.17
N PRO A 233 1.46 -7.08 -11.24
CA PRO A 233 0.82 -6.32 -10.15
C PRO A 233 0.96 -7.03 -8.81
N GLN A 234 1.01 -6.25 -7.75
CA GLN A 234 1.12 -6.85 -6.42
C GLN A 234 -0.07 -7.76 -6.15
N GLU A 235 -1.24 -7.41 -6.65
CA GLU A 235 -2.40 -8.27 -6.44
C GLU A 235 -2.29 -9.61 -7.15
N TRP A 236 -1.57 -9.68 -8.28
CA TRP A 236 -1.30 -10.96 -8.94
C TRP A 236 -0.36 -11.80 -8.09
N VAL A 237 0.68 -11.19 -7.52
CA VAL A 237 1.54 -11.90 -6.58
C VAL A 237 0.72 -12.51 -5.45
N GLN A 238 -0.13 -11.71 -4.82
CA GLN A 238 -0.93 -12.22 -3.71
C GLN A 238 -1.82 -13.38 -4.16
N HIS A 239 -2.40 -13.26 -5.36
CA HIS A 239 -3.31 -14.28 -5.89
C HIS A 239 -2.58 -15.60 -6.12
N PHE A 240 -1.43 -15.58 -6.83
CA PHE A 240 -0.74 -16.81 -7.14
C PHE A 240 -0.24 -17.51 -5.87
N TYR A 241 0.27 -16.73 -4.92
CA TYR A 241 0.74 -17.26 -3.64
C TYR A 241 -0.38 -18.00 -2.90
N GLN A 242 -1.61 -17.48 -2.95
CA GLN A 242 -2.73 -18.14 -2.27
C GLN A 242 -3.24 -19.36 -3.03
N GLU A 243 -3.39 -19.26 -4.34
CA GLU A 243 -4.05 -20.30 -5.13
C GLU A 243 -3.15 -21.50 -5.40
N ALA A 244 -1.87 -21.26 -5.72
CA ALA A 244 -0.91 -22.32 -6.00
C ALA A 244 -1.43 -23.32 -7.02
N ALA A 245 -2.03 -22.81 -8.11
CA ALA A 245 -2.52 -23.65 -9.18
C ALA A 245 -1.35 -24.13 -10.04
N PRO A 246 -1.27 -25.43 -10.38
CA PRO A 246 -0.13 -25.91 -11.20
C PRO A 246 -0.13 -25.35 -12.62
N ALA A 247 1.05 -25.04 -13.11
CA ALA A 247 1.19 -24.65 -14.50
C ALA A 247 1.18 -25.89 -15.41
N GLN A 248 0.33 -25.87 -16.42
N GLN A 248 0.34 -25.85 -16.44
CA GLN A 248 0.24 -27.02 -17.33
CA GLN A 248 0.19 -26.97 -17.37
C GLN A 248 1.14 -26.88 -18.55
C GLN A 248 0.95 -26.76 -18.68
N SER A 249 1.76 -25.72 -18.75
CA SER A 249 2.77 -25.53 -19.79
C SER A 249 3.68 -24.40 -19.33
N ASP A 250 4.56 -23.94 -20.22
CA ASP A 250 5.43 -22.84 -19.84
C ASP A 250 4.78 -21.48 -20.00
N VAL A 251 3.62 -21.38 -20.69
CA VAL A 251 3.05 -20.11 -21.09
CA VAL A 251 3.04 -20.09 -21.02
C VAL A 251 1.52 -20.17 -20.96
N ALA A 252 0.94 -19.25 -20.18
CA ALA A 252 -0.51 -19.09 -20.14
C ALA A 252 -0.94 -17.99 -21.12
N LEU A 253 -1.91 -18.30 -21.96
CA LEU A 253 -2.45 -17.31 -22.87
C LEU A 253 -3.48 -16.49 -22.13
N LEU A 254 -3.31 -15.18 -22.09
CA LEU A 254 -4.26 -14.25 -21.49
C LEU A 254 -4.84 -13.34 -22.57
N ARG A 255 -6.08 -12.91 -22.36
CA ARG A 255 -6.70 -11.88 -23.18
C ARG A 255 -6.98 -10.65 -22.32
N PHE A 256 -6.69 -9.46 -22.84
CA PHE A 256 -7.03 -8.19 -22.21
C PHE A 256 -8.33 -7.68 -22.81
N VAL A 257 -9.28 -7.36 -21.92
N VAL A 257 -9.31 -7.43 -21.94
CA VAL A 257 -10.67 -7.13 -22.27
CA VAL A 257 -10.67 -7.11 -22.40
C VAL A 257 -11.12 -5.76 -21.79
C VAL A 257 -11.08 -5.75 -21.85
N ASN A 258 -11.96 -5.09 -22.58
N ASN A 258 -11.93 -5.05 -22.60
CA ASN A 258 -12.63 -3.88 -22.11
CA ASN A 258 -12.50 -3.87 -21.98
C ASN A 258 -13.89 -4.29 -21.36
C ASN A 258 -13.86 -4.22 -21.36
N PRO A 259 -14.08 -3.91 -20.09
CA PRO A 259 -15.30 -4.36 -19.42
C PRO A 259 -16.55 -3.68 -19.90
N ASP A 260 -16.45 -2.44 -20.38
CA ASP A 260 -17.64 -1.73 -20.81
C ASP A 260 -18.32 -2.45 -21.96
N THR A 261 -17.54 -3.15 -22.80
CA THR A 261 -18.07 -3.82 -23.97
C THR A 261 -17.79 -5.32 -24.01
N GLY A 262 -16.88 -5.83 -23.18
CA GLY A 262 -16.51 -7.23 -23.20
C GLY A 262 -15.59 -7.66 -24.33
N ARG A 263 -15.14 -6.76 -25.20
CA ARG A 263 -14.37 -7.15 -26.37
C ARG A 263 -12.88 -7.27 -26.05
N VAL A 264 -12.21 -8.18 -26.76
CA VAL A 264 -10.78 -8.41 -26.59
C VAL A 264 -10.01 -7.33 -27.33
N LEU A 265 -9.09 -6.68 -26.63
CA LEU A 265 -8.20 -5.68 -27.20
C LEU A 265 -6.87 -6.27 -27.69
N PHE A 266 -6.28 -7.20 -26.94
CA PHE A 266 -5.08 -7.91 -27.37
C PHE A 266 -4.93 -9.21 -26.56
N GLU A 267 -4.01 -10.07 -27.00
CA GLU A 267 -3.67 -11.26 -26.24
C GLU A 267 -2.18 -11.22 -25.90
N CYS A 268 -1.80 -11.95 -24.85
CA CYS A 268 -0.42 -11.92 -24.37
C CYS A 268 -0.09 -13.27 -23.72
N LYS A 269 1.19 -13.48 -23.47
CA LYS A 269 1.70 -14.69 -22.82
C LYS A 269 2.15 -14.36 -21.40
N LEU A 270 1.59 -15.05 -20.42
CA LEU A 270 2.09 -14.98 -19.04
C LEU A 270 2.98 -16.21 -18.84
N HIS A 271 4.29 -15.98 -18.77
CA HIS A 271 5.22 -17.09 -18.58
C HIS A 271 5.13 -17.60 -17.15
N LYS A 272 5.29 -18.91 -16.98
N LYS A 272 5.29 -18.91 -16.98
CA LYS A 272 5.07 -19.50 -15.66
CA LYS A 272 5.08 -19.52 -15.67
C LYS A 272 6.07 -19.00 -14.62
C LYS A 272 6.08 -19.02 -14.63
N SER A 273 7.25 -18.53 -15.04
CA SER A 273 8.20 -17.96 -14.09
C SER A 273 7.87 -16.52 -13.71
N GLY A 274 6.82 -15.93 -14.29
CA GLY A 274 6.24 -14.72 -13.75
C GLY A 274 6.52 -13.41 -14.49
N TYR A 275 6.29 -13.37 -15.80
CA TYR A 275 6.39 -12.13 -16.59
C TYR A 275 5.56 -12.30 -17.85
N VAL A 276 5.29 -11.18 -18.53
CA VAL A 276 4.35 -11.17 -19.65
C VAL A 276 5.06 -10.70 -20.92
N THR A 277 4.73 -11.32 -22.07
CA THR A 277 5.21 -10.84 -23.35
C THR A 277 4.04 -10.63 -24.32
N VAL A 278 4.28 -9.76 -25.30
CA VAL A 278 3.33 -9.40 -26.35
C VAL A 278 4.05 -9.42 -27.70
N ALA A 279 3.27 -9.55 -28.77
CA ALA A 279 3.82 -9.42 -30.13
C ALA A 279 3.75 -7.95 -30.54
N HIS A 280 4.89 -7.24 -30.42
CA HIS A 280 4.94 -5.81 -30.73
C HIS A 280 6.39 -5.36 -30.95
N THR A 281 6.56 -4.28 -31.73
CA THR A 281 7.87 -3.65 -31.92
C THR A 281 7.79 -2.14 -31.69
N GLY A 282 8.61 -1.64 -30.77
CA GLY A 282 8.70 -0.22 -30.46
C GLY A 282 8.54 0.09 -28.99
N GLN A 283 8.97 1.29 -28.57
CA GLN A 283 8.91 1.71 -27.15
C GLN A 283 7.73 2.66 -27.00
N HIS A 284 6.65 2.19 -26.37
CA HIS A 284 5.36 2.88 -26.45
C HIS A 284 4.56 2.73 -25.17
N ASP A 285 3.93 3.82 -24.75
CA ASP A 285 2.83 3.76 -23.80
C ASP A 285 1.59 3.23 -24.51
N LEU A 286 1.10 2.06 -24.11
CA LEU A 286 -0.07 1.48 -24.75
C LEU A 286 -1.31 2.32 -24.52
N VAL A 287 -2.16 2.38 -25.55
CA VAL A 287 -3.44 3.05 -25.48
C VAL A 287 -4.47 2.00 -25.07
N ILE A 288 -4.91 2.02 -23.81
CA ILE A 288 -5.89 1.05 -23.33
C ILE A 288 -7.02 1.80 -22.64
N PRO A 289 -8.24 1.25 -22.59
CA PRO A 289 -9.26 1.79 -21.69
C PRO A 289 -8.83 1.64 -20.25
N PRO A 290 -9.15 2.61 -19.38
CA PRO A 290 -8.64 2.53 -18.01
C PRO A 290 -9.11 1.29 -17.29
N ASN A 291 -10.35 0.88 -17.56
CA ASN A 291 -11.00 -0.21 -16.84
C ASN A 291 -10.73 -1.59 -17.45
N GLY A 292 -9.71 -1.75 -18.30
CA GLY A 292 -9.44 -3.05 -18.88
C GLY A 292 -8.86 -4.03 -17.88
N TYR A 293 -9.05 -5.33 -18.14
CA TYR A 293 -8.53 -6.36 -17.25
C TYR A 293 -8.19 -7.61 -18.06
N PHE A 294 -7.45 -8.51 -17.42
CA PHE A 294 -6.97 -9.73 -18.06
C PHE A 294 -7.82 -10.93 -17.66
N ARG A 295 -7.93 -11.89 -18.57
CA ARG A 295 -8.59 -13.18 -18.31
C ARG A 295 -7.76 -14.33 -18.90
N PHE A 296 -7.54 -15.38 -18.10
CA PHE A 296 -6.87 -16.59 -18.59
C PHE A 296 -7.73 -17.36 -19.59
N ASP A 297 -7.11 -17.79 -20.70
CA ASP A 297 -7.78 -18.62 -21.71
C ASP A 297 -7.36 -20.08 -21.65
N SER A 298 -6.07 -20.37 -21.74
CA SER A 298 -5.56 -21.74 -21.85
C SER A 298 -4.04 -21.73 -21.69
N TRP A 299 -3.48 -22.89 -21.36
CA TRP A 299 -2.03 -23.10 -21.41
C TRP A 299 -1.67 -23.44 -22.85
N VAL A 300 -0.72 -22.70 -23.44
CA VAL A 300 -0.39 -22.89 -24.84
C VAL A 300 1.04 -23.39 -24.96
N ASN A 301 1.36 -23.88 -26.17
CA ASN A 301 2.66 -24.45 -26.40
C ASN A 301 3.70 -23.35 -26.56
N GLN A 302 4.96 -23.77 -26.61
CA GLN A 302 6.07 -22.82 -26.64
C GLN A 302 6.21 -22.14 -27.99
N PHE A 303 5.55 -22.66 -29.02
CA PHE A 303 5.70 -22.13 -30.37
C PHE A 303 4.44 -21.40 -30.83
N TYR A 304 3.63 -20.94 -29.88
CA TYR A 304 2.39 -20.25 -30.21
C TYR A 304 2.69 -18.82 -30.66
N THR A 305 2.16 -18.43 -31.82
CA THR A 305 2.34 -17.07 -32.32
C THR A 305 1.17 -16.23 -31.87
N LEU A 306 1.45 -15.17 -31.12
CA LEU A 306 0.42 -14.22 -30.70
C LEU A 306 -0.02 -13.34 -31.87
N ALA A 307 -1.29 -12.97 -31.82
CA ALA A 307 -1.77 -11.95 -32.74
C ALA A 307 -1.09 -10.62 -32.45
N PRO A 308 -0.64 -9.88 -33.47
CA PRO A 308 0.03 -8.61 -33.20
C PRO A 308 -0.85 -7.67 -32.40
N MET A 309 -0.23 -6.90 -31.52
CA MET A 309 -0.97 -5.82 -30.88
C MET A 309 -0.34 -4.47 -31.23
N SER B 3 -24.24 -22.22 -7.38
CA SER B 3 -23.71 -20.92 -7.03
C SER B 3 -22.23 -20.99 -6.75
N LYS B 4 -21.51 -19.94 -7.12
CA LYS B 4 -20.09 -19.85 -6.81
C LYS B 4 -19.90 -20.02 -5.31
N PRO B 5 -19.03 -20.94 -4.86
CA PRO B 5 -18.78 -21.07 -3.43
C PRO B 5 -18.11 -19.83 -2.86
N PHE B 6 -18.55 -19.40 -1.70
CA PHE B 6 -17.91 -18.31 -0.99
C PHE B 6 -16.60 -18.78 -0.36
N THR B 7 -15.64 -17.84 -0.29
CA THR B 7 -14.32 -18.08 0.30
C THR B 7 -13.84 -16.76 0.87
N VAL B 8 -12.87 -16.82 1.81
CA VAL B 8 -12.11 -15.66 2.24
C VAL B 8 -10.65 -15.88 1.85
N PRO B 9 -9.88 -14.80 1.73
CA PRO B 9 -8.43 -14.95 1.47
C PRO B 9 -7.76 -15.78 2.56
N ILE B 10 -6.71 -16.51 2.14
CA ILE B 10 -5.99 -17.40 3.05
C ILE B 10 -4.66 -16.79 3.52
N LEU B 11 -4.40 -15.53 3.19
CA LEU B 11 -3.25 -14.82 3.73
C LEU B 11 -3.33 -14.74 5.26
N THR B 12 -2.16 -14.68 5.90
CA THR B 12 -2.10 -14.48 7.35
C THR B 12 -2.35 -13.03 7.71
N VAL B 13 -2.65 -12.80 8.98
CA VAL B 13 -2.91 -11.44 9.47
C VAL B 13 -1.74 -10.51 9.10
N GLU B 14 -0.50 -10.95 9.36
CA GLU B 14 0.67 -10.11 9.09
C GLU B 14 0.94 -9.90 7.61
N GLU B 15 0.31 -10.68 6.72
CA GLU B 15 0.44 -10.50 5.28
C GLU B 15 -0.63 -9.59 4.69
N MET B 16 -1.56 -9.10 5.51
CA MET B 16 -2.68 -8.31 5.02
C MET B 16 -2.57 -6.86 5.50
N THR B 17 -3.41 -6.00 4.91
CA THR B 17 -3.34 -4.54 5.02
C THR B 17 -4.58 -4.01 5.74
N ASN B 18 -4.37 -3.02 6.61
CA ASN B 18 -5.49 -2.29 7.22
C ASN B 18 -6.30 -1.58 6.13
N SER B 19 -7.63 -1.62 6.24
CA SER B 19 -8.49 -0.97 5.23
C SER B 19 -8.81 0.49 5.55
N ARG B 20 -8.29 1.01 6.67
CA ARG B 20 -8.55 2.39 7.08
C ARG B 20 -7.32 3.29 7.06
N PHE B 21 -6.12 2.74 6.79
CA PHE B 21 -4.87 3.50 6.69
C PHE B 21 -3.88 2.58 5.99
N PRO B 22 -2.98 3.12 5.15
CA PRO B 22 -2.11 2.24 4.33
C PRO B 22 -0.91 1.67 5.08
N ILE B 23 -1.21 0.78 6.02
CA ILE B 23 -0.19 0.11 6.84
C ILE B 23 -0.58 -1.35 7.04
N PRO B 24 0.38 -2.23 7.30
CA PRO B 24 0.05 -3.65 7.52
C PRO B 24 -0.81 -3.86 8.77
N LEU B 25 -1.60 -4.94 8.74
CA LEU B 25 -2.20 -5.46 9.96
C LEU B 25 -1.11 -6.03 10.85
N GLU B 26 -1.37 -6.00 12.15
CA GLU B 26 -0.44 -6.55 13.13
C GLU B 26 -1.06 -7.61 14.02
N LYS B 27 -2.34 -7.50 14.34
CA LYS B 27 -2.90 -8.36 15.37
C LYS B 27 -4.42 -8.31 15.33
N LEU B 28 -5.03 -9.20 16.10
CA LEU B 28 -6.48 -9.26 16.23
C LEU B 28 -6.84 -8.84 17.66
N PHE B 29 -7.96 -8.14 17.79
CA PHE B 29 -8.37 -7.58 19.07
C PHE B 29 -9.88 -7.68 19.19
N THR B 30 -10.39 -7.98 20.40
CA THR B 30 -11.81 -7.88 20.67
C THR B 30 -12.02 -7.10 21.97
N GLY B 31 -13.10 -6.33 22.01
CA GLY B 31 -13.49 -5.62 23.21
C GLY B 31 -14.94 -5.25 23.19
N PRO B 32 -15.48 -4.86 24.33
CA PRO B 32 -16.87 -4.39 24.34
C PRO B 32 -16.98 -3.10 23.57
N SER B 33 -18.07 -2.97 22.85
CA SER B 33 -18.34 -1.75 22.11
C SER B 33 -19.82 -1.42 22.10
N GLY B 34 -20.64 -2.16 22.86
CA GLY B 34 -22.05 -1.87 22.91
C GLY B 34 -22.36 -0.47 23.38
N ALA B 35 -21.42 0.19 24.06
CA ALA B 35 -21.68 1.51 24.60
C ALA B 35 -21.48 2.64 23.58
N PHE B 36 -20.58 2.47 22.62
CA PHE B 36 -20.26 3.52 21.65
C PHE B 36 -20.64 3.06 20.23
N VAL B 37 -20.51 3.99 19.28
CA VAL B 37 -20.91 3.75 17.90
C VAL B 37 -19.69 3.39 17.06
N VAL B 38 -19.75 2.22 16.41
CA VAL B 38 -18.71 1.74 15.50
C VAL B 38 -19.24 1.96 14.08
N GLN B 39 -18.77 3.02 13.39
CA GLN B 39 -19.32 3.36 12.08
C GLN B 39 -18.22 3.82 11.13
N PRO B 40 -17.13 3.06 10.99
CA PRO B 40 -16.11 3.45 10.01
C PRO B 40 -16.68 3.38 8.60
N GLN B 41 -16.11 4.19 7.71
CA GLN B 41 -16.58 4.28 6.33
C GLN B 41 -15.63 3.66 5.33
N ASN B 42 -14.35 3.48 5.68
CA ASN B 42 -13.43 2.69 4.87
C ASN B 42 -13.42 1.26 5.41
N GLY B 43 -13.08 0.31 4.54
CA GLY B 43 -13.11 -1.09 4.93
C GLY B 43 -14.51 -1.62 5.10
N ARG B 44 -15.45 -1.17 4.27
CA ARG B 44 -16.84 -1.58 4.35
C ARG B 44 -17.25 -2.21 3.03
N CYS B 45 -17.65 -3.48 3.08
CA CYS B 45 -17.96 -4.27 1.88
C CYS B 45 -18.80 -5.46 2.30
N THR B 46 -19.87 -5.77 1.56
CA THR B 46 -20.66 -6.97 1.86
C THR B 46 -19.91 -8.21 1.37
N THR B 47 -20.31 -9.37 1.89
CA THR B 47 -19.67 -10.62 1.48
C THR B 47 -19.93 -10.97 0.03
N ASP B 48 -21.01 -10.48 -0.57
CA ASP B 48 -21.25 -10.64 -1.99
C ASP B 48 -20.76 -9.45 -2.82
N GLY B 49 -19.88 -8.61 -2.26
CA GLY B 49 -19.05 -7.72 -3.05
C GLY B 49 -19.57 -6.31 -3.29
N VAL B 50 -20.50 -5.81 -2.48
CA VAL B 50 -21.01 -4.46 -2.64
C VAL B 50 -20.19 -3.53 -1.74
N LEU B 51 -19.50 -2.56 -2.35
CA LEU B 51 -18.74 -1.60 -1.57
C LEU B 51 -19.67 -0.60 -0.91
N LEU B 52 -19.31 -0.19 0.32
CA LEU B 52 -20.15 0.70 1.12
C LEU B 52 -19.34 1.90 1.60
N GLY B 53 -20.04 2.95 1.99
CA GLY B 53 -19.36 4.10 2.59
C GLY B 53 -18.43 4.79 1.61
N THR B 54 -17.20 5.08 2.05
CA THR B 54 -16.17 5.65 1.21
C THR B 54 -15.18 4.57 0.74
N THR B 55 -15.58 3.30 0.76
CA THR B 55 -14.62 2.23 0.49
C THR B 55 -14.30 2.10 -1.00
N GLN B 56 -13.01 2.00 -1.31
CA GLN B 56 -12.49 1.74 -2.65
C GLN B 56 -11.46 0.61 -2.56
N LEU B 57 -10.87 0.22 -3.71
CA LEU B 57 -10.19 -1.07 -3.81
C LEU B 57 -8.69 -1.01 -3.57
N SER B 58 -8.06 0.17 -3.66
CA SER B 58 -6.59 0.24 -3.59
C SER B 58 -6.11 0.38 -2.15
N PRO B 59 -5.16 -0.48 -1.71
CA PRO B 59 -4.60 -0.32 -0.37
C PRO B 59 -3.75 0.91 -0.20
N VAL B 60 -3.22 1.49 -1.28
CA VAL B 60 -2.31 2.61 -1.13
C VAL B 60 -3.01 3.94 -1.34
N ASN B 61 -4.28 3.95 -1.76
CA ASN B 61 -5.00 5.21 -1.93
C ASN B 61 -5.80 5.61 -0.70
N ILE B 62 -5.76 4.83 0.35
CA ILE B 62 -6.48 5.18 1.56
C ILE B 62 -5.82 6.38 2.23
N CYS B 63 -6.61 7.40 2.54
CA CYS B 63 -6.14 8.62 3.18
C CYS B 63 -5.17 9.44 2.32
N THR B 64 -5.18 9.24 0.99
CA THR B 64 -4.47 10.09 0.04
C THR B 64 -5.40 11.20 -0.48
N PHE B 65 -4.80 12.31 -0.92
CA PHE B 65 -5.56 13.36 -1.61
C PHE B 65 -4.79 13.79 -2.84
N ARG B 66 -5.52 14.15 -3.91
CA ARG B 66 -4.92 14.60 -5.17
C ARG B 66 -5.69 15.81 -5.68
N GLY B 67 -4.99 16.75 -6.30
CA GLY B 67 -5.67 17.90 -6.90
C GLY B 67 -4.67 19.02 -7.18
N ASP B 68 -5.19 20.23 -7.29
CA ASP B 68 -4.35 21.42 -7.45
C ASP B 68 -4.47 22.28 -6.19
N VAL B 69 -3.46 23.12 -5.94
CA VAL B 69 -3.41 23.85 -4.69
C VAL B 69 -3.26 25.34 -4.93
N THR B 70 -3.70 26.12 -3.94
N THR B 70 -3.69 26.12 -3.92
CA THR B 70 -3.47 27.55 -3.94
CA THR B 70 -3.61 27.57 -3.89
C THR B 70 -3.03 27.98 -2.55
C THR B 70 -3.22 27.98 -2.47
N HIS B 71 -2.06 28.88 -2.49
N HIS B 71 -2.83 29.24 -2.29
CA HIS B 71 -1.52 29.33 -1.22
CA HIS B 71 -2.57 29.74 -0.94
C HIS B 71 -2.50 30.25 -0.50
C HIS B 71 -2.53 31.26 -0.93
N ILE B 72 -2.59 30.04 0.81
N ILE B 72 -2.85 31.83 0.23
CA ILE B 72 -3.35 30.91 1.69
CA ILE B 72 -2.69 33.26 0.44
C ILE B 72 -2.41 32.00 2.20
C ILE B 72 -1.21 33.57 0.59
N ALA B 73 -2.69 33.26 1.83
N ALA B 73 -0.72 34.56 -0.15
CA ALA B 73 -1.77 34.35 2.10
CA ALA B 73 0.69 34.92 -0.10
C ALA B 73 -1.49 34.51 3.60
C ALA B 73 1.15 35.07 1.35
N GLY B 74 -0.24 34.81 3.92
N GLY B 74 2.35 34.54 1.63
CA GLY B 74 0.17 35.10 5.28
CA GLY B 74 2.89 34.55 2.97
C GLY B 74 0.28 33.89 6.18
C GLY B 74 2.48 33.39 3.85
N SER B 75 0.60 32.73 5.61
N SER B 75 1.46 32.62 3.45
CA SER B 75 0.74 31.50 6.38
CA SER B 75 0.91 31.57 4.28
C SER B 75 1.53 30.52 5.53
C SER B 75 1.60 30.24 4.04
N ARG B 76 1.62 29.27 6.01
N ARG B 76 1.83 29.49 5.12
CA ARG B 76 2.19 28.18 5.23
CA ARG B 76 2.31 28.12 5.02
C ARG B 76 1.13 27.12 4.91
C ARG B 76 1.20 27.13 4.70
N ASN B 77 -0.10 27.57 4.68
N ASN B 77 -0.06 27.56 4.73
CA ASN B 77 -1.24 26.69 4.47
CA ASN B 77 -1.19 26.69 4.47
C ASN B 77 -1.72 26.76 3.03
C ASN B 77 -1.57 26.73 2.99
N TYR B 78 -2.11 25.61 2.50
CA TYR B 78 -2.56 25.48 1.13
C TYR B 78 -3.95 24.86 1.08
N THR B 79 -4.79 25.39 0.20
CA THR B 79 -6.08 24.79 -0.09
C THR B 79 -5.93 23.89 -1.32
N MET B 80 -6.37 22.63 -1.21
CA MET B 80 -6.38 21.70 -2.32
C MET B 80 -7.80 21.54 -2.85
N ASN B 81 -7.96 21.79 -4.15
CA ASN B 81 -9.19 21.51 -4.87
C ASN B 81 -9.08 20.07 -5.39
N LEU B 82 -9.93 19.20 -4.88
CA LEU B 82 -9.75 17.76 -5.03
C LEU B 82 -10.11 17.27 -6.44
N ALA B 83 -9.30 16.33 -6.94
CA ALA B 83 -9.61 15.54 -8.12
C ALA B 83 -9.94 14.13 -7.67
N SER B 84 -10.44 13.33 -8.62
CA SER B 84 -10.70 11.93 -8.33
C SER B 84 -9.39 11.18 -8.15
N LEU B 85 -9.50 9.95 -7.66
CA LEU B 85 -8.32 9.12 -7.41
C LEU B 85 -7.49 8.88 -8.66
N ASN B 86 -8.05 9.08 -9.86
CA ASN B 86 -7.31 8.91 -11.10
C ASN B 86 -7.25 10.20 -11.88
N TRP B 87 -7.37 11.34 -11.19
CA TRP B 87 -7.17 12.69 -11.72
C TRP B 87 -8.32 13.21 -12.57
N ASN B 88 -9.44 12.49 -12.68
N ASN B 88 -9.44 12.51 -12.66
CA ASN B 88 -10.62 13.06 -13.32
CA ASN B 88 -10.60 13.09 -13.32
C ASN B 88 -11.30 14.07 -12.38
C ASN B 88 -11.33 14.03 -12.36
N ASN B 89 -12.35 14.71 -12.89
CA ASN B 89 -13.11 15.66 -12.09
C ASN B 89 -13.81 14.97 -10.93
N TYR B 90 -13.90 15.67 -9.80
CA TYR B 90 -14.61 15.15 -8.63
C TYR B 90 -16.08 15.56 -8.69
N ASP B 91 -16.96 14.58 -8.51
CA ASP B 91 -18.41 14.77 -8.59
C ASP B 91 -19.02 14.77 -7.19
N PRO B 92 -19.36 15.92 -6.63
CA PRO B 92 -19.94 15.95 -5.27
C PRO B 92 -21.35 15.38 -5.18
N THR B 93 -22.02 15.11 -6.31
CA THR B 93 -23.40 14.63 -6.26
C THR B 93 -23.52 13.12 -6.17
N GLU B 94 -22.40 12.40 -6.26
CA GLU B 94 -22.42 10.95 -6.11
C GLU B 94 -22.91 10.59 -4.70
N GLU B 95 -23.66 9.49 -4.60
CA GLU B 95 -24.38 9.16 -3.37
C GLU B 95 -23.44 8.43 -2.43
N ILE B 96 -22.41 9.16 -2.00
CA ILE B 96 -21.39 8.69 -1.07
C ILE B 96 -21.11 9.79 -0.06
N PRO B 97 -20.54 9.45 1.10
CA PRO B 97 -20.34 10.49 2.15
C PRO B 97 -19.30 11.54 1.81
N ALA B 98 -18.35 11.18 0.95
CA ALA B 98 -17.12 11.90 0.70
C ALA B 98 -16.39 11.15 -0.41
N PRO B 99 -15.36 11.74 -1.00
CA PRO B 99 -14.56 11.02 -1.99
C PRO B 99 -14.08 9.69 -1.44
N LEU B 100 -14.07 8.70 -2.31
CA LEU B 100 -13.61 7.38 -1.87
C LEU B 100 -12.19 7.46 -1.33
N GLY B 101 -11.95 6.75 -0.22
CA GLY B 101 -10.68 6.77 0.47
C GLY B 101 -10.45 7.91 1.46
N THR B 102 -11.39 8.86 1.59
CA THR B 102 -11.27 9.95 2.56
C THR B 102 -11.06 9.37 3.96
N PRO B 103 -10.18 9.97 4.79
CA PRO B 103 -10.07 9.54 6.18
C PRO B 103 -11.45 9.51 6.87
N ASP B 104 -11.66 8.50 7.71
CA ASP B 104 -12.94 8.30 8.42
C ASP B 104 -12.80 8.45 9.93
N PHE B 105 -11.83 9.25 10.37
CA PHE B 105 -11.64 9.57 11.77
C PHE B 105 -11.18 11.01 11.92
N VAL B 106 -11.44 11.57 13.10
CA VAL B 106 -11.00 12.91 13.45
C VAL B 106 -9.59 12.82 14.02
N GLY B 107 -8.65 13.50 13.37
CA GLY B 107 -7.28 13.48 13.84
C GLY B 107 -6.41 14.30 12.91
N LYS B 108 -5.13 14.36 13.25
CA LYS B 108 -4.15 15.15 12.53
C LYS B 108 -3.23 14.17 11.82
N ILE B 109 -3.35 14.10 10.50
CA ILE B 109 -2.61 13.13 9.69
C ILE B 109 -1.42 13.82 9.05
N GLN B 110 -0.22 13.30 9.26
CA GLN B 110 1.00 13.88 8.71
C GLN B 110 1.56 13.01 7.59
N GLY B 111 2.10 13.67 6.58
CA GLY B 111 2.78 12.98 5.50
C GLY B 111 3.58 13.96 4.66
N LEU B 112 3.68 13.70 3.36
CA LEU B 112 4.38 14.59 2.43
C LEU B 112 3.42 15.05 1.36
N LEU B 113 3.46 16.35 1.07
CA LEU B 113 2.77 16.95 -0.07
C LEU B 113 3.79 17.11 -1.19
N THR B 114 3.52 16.50 -2.35
CA THR B 114 4.44 16.49 -3.48
C THR B 114 3.77 17.04 -4.72
N GLN B 115 4.57 17.58 -5.65
CA GLN B 115 4.05 18.23 -6.85
C GLN B 115 5.03 18.09 -8.00
N THR B 116 4.50 17.89 -9.21
CA THR B 116 5.28 17.92 -10.44
C THR B 116 4.74 19.02 -11.34
N THR B 117 5.64 19.81 -11.90
CA THR B 117 5.30 20.81 -12.93
C THR B 117 5.31 20.17 -14.31
N LYS B 118 4.17 20.25 -15.02
CA LYS B 118 4.03 19.63 -16.34
C LYS B 118 5.09 20.11 -17.32
N GLY B 119 5.32 21.43 -17.34
CA GLY B 119 6.11 22.03 -18.41
C GLY B 119 7.53 21.47 -18.50
N ASP B 120 8.20 21.32 -17.34
CA ASP B 120 9.62 20.95 -17.32
C ASP B 120 9.93 19.70 -16.50
N GLY B 121 8.95 19.09 -15.85
CA GLY B 121 9.21 17.95 -15.02
C GLY B 121 9.92 18.24 -13.70
N SER B 122 9.95 19.50 -13.26
CA SER B 122 10.49 19.84 -11.95
C SER B 122 9.53 19.35 -10.85
N THR B 123 10.09 19.02 -9.70
CA THR B 123 9.33 18.39 -8.63
C THR B 123 9.73 18.99 -7.28
N ARG B 124 8.87 18.79 -6.28
CA ARG B 124 9.05 19.40 -4.97
C ARG B 124 8.19 18.65 -3.97
N GLY B 125 8.63 18.65 -2.71
CA GLY B 125 7.94 17.91 -1.69
C GLY B 125 8.18 18.50 -0.32
N HIS B 126 7.14 18.59 0.50
CA HIS B 126 7.24 19.18 1.83
C HIS B 126 6.39 18.42 2.82
N LYS B 127 6.88 18.33 4.06
CA LYS B 127 6.08 17.76 5.13
C LYS B 127 4.79 18.59 5.33
N ALA B 128 3.69 17.90 5.54
CA ALA B 128 2.38 18.54 5.59
C ALA B 128 1.44 17.74 6.50
N THR B 129 0.46 18.44 7.06
CA THR B 129 -0.51 17.86 7.97
C THR B 129 -1.91 18.30 7.55
N VAL B 130 -2.87 17.37 7.62
CA VAL B 130 -4.28 17.68 7.40
C VAL B 130 -5.01 17.42 8.72
N TYR B 131 -5.85 18.39 9.13
N TYR B 131 -5.77 18.40 9.21
CA TYR B 131 -6.62 18.35 10.37
CA TYR B 131 -6.56 18.20 10.42
C TYR B 131 -8.05 17.97 10.01
C TYR B 131 -7.99 17.92 9.99
N THR B 132 -8.44 16.68 10.18
CA THR B 132 -9.75 16.27 9.69
C THR B 132 -10.90 16.75 10.57
N GLY B 133 -10.60 17.36 11.70
CA GLY B 133 -11.61 18.01 12.51
C GLY B 133 -11.78 19.49 12.26
N SER B 134 -10.98 20.09 11.39
CA SER B 134 -10.95 21.53 11.19
C SER B 134 -12.08 21.99 10.26
N ALA B 135 -12.44 23.27 10.38
CA ALA B 135 -13.51 23.83 9.55
C ALA B 135 -13.24 23.73 8.06
N PRO B 136 -12.01 23.91 7.57
CA PRO B 136 -11.74 23.78 6.13
C PRO B 136 -11.67 22.35 5.61
N PHE B 137 -11.84 21.34 6.47
CA PHE B 137 -11.87 19.94 6.02
C PHE B 137 -13.27 19.67 5.48
N THR B 138 -13.44 19.93 4.18
CA THR B 138 -14.73 19.79 3.50
C THR B 138 -14.57 18.92 2.25
N PRO B 139 -14.07 17.69 2.38
CA PRO B 139 -13.85 16.86 1.18
C PRO B 139 -15.10 16.58 0.39
N LYS B 140 -16.27 16.46 1.02
CA LYS B 140 -17.49 16.22 0.27
C LYS B 140 -17.82 17.41 -0.64
N LEU B 141 -17.41 18.62 -0.25
CA LEU B 141 -17.56 19.83 -1.07
C LEU B 141 -16.42 19.99 -2.07
N GLY B 142 -15.38 19.18 -1.98
CA GLY B 142 -14.29 19.23 -2.94
C GLY B 142 -13.04 19.96 -2.52
N SER B 143 -12.86 20.31 -1.25
N SER B 143 -12.86 20.25 -1.23
CA SER B 143 -11.64 20.98 -0.87
CA SER B 143 -11.75 21.07 -0.77
C SER B 143 -11.27 20.67 0.56
C SER B 143 -11.28 20.59 0.59
N VAL B 144 -9.96 20.60 0.80
CA VAL B 144 -9.37 20.42 2.13
C VAL B 144 -8.16 21.35 2.22
N GLN B 145 -7.68 21.57 3.43
CA GLN B 145 -6.51 22.43 3.68
C GLN B 145 -5.37 21.65 4.32
N PHE B 146 -4.15 21.98 3.91
CA PHE B 146 -2.93 21.40 4.46
C PHE B 146 -2.08 22.49 5.09
N SER B 147 -1.45 22.20 6.22
CA SER B 147 -0.41 23.06 6.77
CA SER B 147 -0.41 23.06 6.77
C SER B 147 0.95 22.49 6.43
N THR B 148 1.89 23.36 6.05
CA THR B 148 3.23 22.91 5.69
C THR B 148 4.27 23.60 6.57
N ASP B 149 5.48 23.04 6.53
CA ASP B 149 6.59 23.47 7.38
C ASP B 149 7.47 24.53 6.71
N THR B 150 7.34 24.73 5.41
CA THR B 150 8.19 25.66 4.67
C THR B 150 7.38 26.79 4.07
N ASP B 153 6.46 27.51 -2.20
CA ASP B 153 7.15 26.73 -3.20
C ASP B 153 6.18 26.02 -4.17
N PHE B 154 4.96 25.75 -3.73
CA PHE B 154 3.99 25.03 -4.56
C PHE B 154 3.34 25.98 -5.57
N GLU B 155 3.26 25.53 -6.82
CA GLU B 155 2.69 26.31 -7.91
C GLU B 155 1.20 26.00 -8.07
N THR B 156 0.47 26.91 -8.72
CA THR B 156 -0.92 26.66 -9.09
C THR B 156 -1.03 25.84 -10.38
N HIS B 157 -2.19 25.20 -10.54
CA HIS B 157 -2.51 24.41 -11.73
C HIS B 157 -1.48 23.33 -12.04
N GLN B 158 -0.92 22.69 -11.00
CA GLN B 158 -0.02 21.57 -11.17
C GLN B 158 -0.46 20.45 -10.24
N ASN B 159 -0.36 19.22 -10.76
CA ASN B 159 -0.81 18.04 -10.02
C ASN B 159 -0.08 17.90 -8.69
N THR B 160 -0.85 17.80 -7.61
CA THR B 160 -0.31 17.76 -6.26
C THR B 160 -0.90 16.57 -5.50
N LYS B 161 -0.07 15.86 -4.75
CA LYS B 161 -0.49 14.65 -4.03
C LYS B 161 -0.08 14.70 -2.57
N PHE B 162 -1.00 14.30 -1.68
CA PHE B 162 -0.67 14.02 -0.29
C PHE B 162 -0.56 12.51 -0.07
N THR B 163 0.60 12.09 0.41
CA THR B 163 0.87 10.70 0.80
C THR B 163 0.88 10.65 2.32
N PRO B 164 -0.06 9.94 2.96
CA PRO B 164 -0.10 9.88 4.42
C PRO B 164 1.00 8.98 4.96
N VAL B 165 1.52 9.33 6.12
CA VAL B 165 2.51 8.50 6.81
C VAL B 165 2.05 8.12 8.21
N GLY B 166 1.57 9.08 8.98
CA GLY B 166 1.18 8.79 10.35
C GLY B 166 0.34 9.89 10.96
N VAL B 167 0.30 9.92 12.30
CA VAL B 167 -0.54 10.85 13.03
C VAL B 167 0.26 11.59 14.09
N ILE B 168 -0.25 12.77 14.47
CA ILE B 168 0.37 13.57 15.52
C ILE B 168 -0.64 13.93 16.62
N GLN B 169 -0.10 14.39 17.73
CA GLN B 169 -0.88 14.89 18.86
C GLN B 169 -0.20 16.14 19.39
N ASP B 170 -1.01 17.09 19.81
CA ASP B 170 -0.51 18.36 20.33
C ASP B 170 -1.60 19.21 20.97
N THR B 173 -0.69 18.36 25.47
CA THR B 173 -1.86 18.44 26.33
C THR B 173 -1.95 17.13 27.17
N THR B 174 -3.04 16.35 27.03
CA THR B 174 -3.18 15.08 27.73
C THR B 174 -2.94 13.94 26.74
N HIS B 175 -2.13 12.96 27.14
CA HIS B 175 -1.62 11.96 26.19
C HIS B 175 -2.72 11.06 25.63
N ARG B 176 -2.60 10.77 24.33
CA ARG B 176 -3.43 9.79 23.63
C ARG B 176 -4.89 10.23 23.56
N ASN B 177 -5.15 11.54 23.62
CA ASN B 177 -6.48 12.10 23.47
C ASN B 177 -6.91 12.26 22.01
N GLU B 178 -5.97 12.14 21.08
CA GLU B 178 -6.25 12.21 19.65
C GLU B 178 -5.20 11.35 18.95
N PRO B 179 -5.50 10.84 17.74
CA PRO B 179 -6.78 10.82 17.03
C PRO B 179 -7.90 10.11 17.79
N GLN B 180 -9.12 10.28 17.32
CA GLN B 180 -10.30 9.58 17.84
C GLN B 180 -10.83 8.70 16.71
N GLN B 181 -10.42 7.44 16.72
CA GLN B 181 -10.67 6.57 15.57
C GLN B 181 -12.15 6.29 15.38
N TRP B 182 -12.99 6.50 16.41
CA TRP B 182 -14.41 6.21 16.26
C TRP B 182 -15.28 7.44 16.10
N VAL B 183 -14.68 8.62 15.95
CA VAL B 183 -15.43 9.85 15.68
C VAL B 183 -15.27 10.23 14.20
N LEU B 184 -16.38 10.24 13.46
CA LEU B 184 -16.33 10.58 12.04
C LEU B 184 -16.11 12.08 11.86
N PRO B 185 -15.30 12.49 10.87
CA PRO B 185 -15.29 13.90 10.48
C PRO B 185 -16.64 14.36 9.96
N SER B 186 -16.81 15.67 9.90
N SER B 186 -16.80 15.68 9.88
N SER B 186 -16.82 15.68 9.93
CA SER B 186 -17.93 16.29 9.19
CA SER B 186 -17.93 16.29 9.20
CA SER B 186 -17.93 16.28 9.20
C SER B 186 -17.46 16.54 7.76
C SER B 186 -17.49 16.56 7.76
C SER B 186 -17.45 16.52 7.77
N TYR B 187 -17.87 15.66 6.84
CA TYR B 187 -17.31 15.69 5.50
C TYR B 187 -17.66 16.95 4.71
N SER B 188 -18.72 17.66 5.07
CA SER B 188 -19.05 18.92 4.42
C SER B 188 -18.80 20.12 5.33
N GLY B 189 -18.11 19.93 6.43
CA GLY B 189 -17.79 21.02 7.31
C GLY B 189 -18.82 21.30 8.39
N ARG B 190 -18.68 22.50 8.95
CA ARG B 190 -19.46 22.90 10.12
C ARG B 190 -20.95 22.93 9.80
N ASN B 191 -21.75 22.38 10.70
CA ASN B 191 -23.21 22.52 10.71
C ASN B 191 -23.87 21.86 9.51
N VAL B 192 -23.18 20.95 8.82
CA VAL B 192 -23.77 20.15 7.76
C VAL B 192 -23.67 18.68 8.15
N HIS B 193 -24.79 17.98 8.15
CA HIS B 193 -24.77 16.57 8.53
C HIS B 193 -24.21 15.71 7.40
N ASN B 194 -23.55 14.62 7.80
CA ASN B 194 -23.05 13.63 6.85
C ASN B 194 -24.21 12.89 6.18
N VAL B 195 -23.94 12.39 4.97
CA VAL B 195 -24.94 11.72 4.15
C VAL B 195 -24.39 10.38 3.64
N HIS B 196 -25.31 9.45 3.33
CA HIS B 196 -25.00 8.18 2.65
C HIS B 196 -23.99 7.33 3.41
N LEU B 197 -24.05 7.36 4.73
CA LEU B 197 -23.10 6.60 5.53
C LEU B 197 -23.42 5.12 5.50
N ALA B 198 -22.35 4.31 5.47
CA ALA B 198 -22.47 2.91 5.84
C ALA B 198 -22.94 2.83 7.28
N PRO B 199 -23.80 1.85 7.61
CA PRO B 199 -24.42 1.81 8.94
C PRO B 199 -23.44 1.47 10.04
N ALA B 200 -23.83 1.84 11.26
CA ALA B 200 -23.10 1.41 12.42
C ALA B 200 -23.30 -0.09 12.60
N VAL B 201 -22.27 -0.76 13.14
N VAL B 201 -22.32 -0.69 13.29
CA VAL B 201 -22.32 -2.19 13.37
CA VAL B 201 -22.19 -2.14 13.40
C VAL B 201 -22.20 -2.48 14.85
C VAL B 201 -22.13 -2.51 14.87
N ALA B 202 -22.78 -3.61 15.25
CA ALA B 202 -22.78 -4.06 16.63
C ALA B 202 -23.17 -5.53 16.69
N PRO B 203 -22.67 -6.26 17.66
CA PRO B 203 -23.11 -7.65 17.83
C PRO B 203 -24.58 -7.66 18.25
N THR B 204 -25.33 -8.59 17.68
CA THR B 204 -26.75 -8.71 17.95
C THR B 204 -27.07 -9.97 18.74
N PHE B 205 -26.07 -10.77 19.07
CA PHE B 205 -26.26 -12.09 19.64
C PHE B 205 -25.64 -12.12 21.03
N PRO B 206 -26.32 -12.68 22.04
CA PRO B 206 -25.79 -12.61 23.41
C PRO B 206 -24.43 -13.25 23.53
N GLY B 207 -23.55 -12.59 24.27
CA GLY B 207 -22.23 -13.12 24.53
C GLY B 207 -21.20 -12.82 23.46
N GLU B 208 -21.57 -12.08 22.43
CA GLU B 208 -20.65 -11.79 21.33
C GLU B 208 -20.12 -10.35 21.38
N GLN B 209 -18.96 -10.18 20.75
CA GLN B 209 -18.30 -8.90 20.55
C GLN B 209 -17.77 -8.84 19.12
N LEU B 210 -17.52 -7.62 18.63
CA LEU B 210 -16.83 -7.46 17.36
C LEU B 210 -15.38 -7.95 17.47
N LEU B 211 -14.89 -8.51 16.36
CA LEU B 211 -13.49 -8.81 16.20
C LEU B 211 -12.87 -7.76 15.29
N PHE B 212 -11.82 -7.12 15.77
CA PHE B 212 -11.16 -6.06 15.01
C PHE B 212 -9.82 -6.54 14.50
N PHE B 213 -9.50 -6.08 13.30
CA PHE B 213 -8.20 -6.24 12.67
C PHE B 213 -7.41 -4.97 12.94
N ARG B 214 -6.34 -5.09 13.74
CA ARG B 214 -5.73 -3.93 14.37
C ARG B 214 -4.31 -3.68 13.86
N SER B 215 -3.99 -2.41 13.64
CA SER B 215 -2.65 -1.91 13.36
C SER B 215 -2.30 -0.80 14.34
N THR B 216 -1.02 -0.43 14.34
CA THR B 216 -0.50 0.72 15.06
C THR B 216 -0.03 1.75 14.04
N MET B 217 -0.70 2.90 13.99
CA MET B 217 -0.30 3.95 13.05
C MET B 217 1.04 4.54 13.49
N PRO B 218 1.93 4.86 12.55
CA PRO B 218 3.13 5.58 12.93
C PRO B 218 2.77 6.92 13.57
N GLY B 219 3.56 7.31 14.55
CA GLY B 219 3.42 8.60 15.21
C GLY B 219 4.56 9.52 14.78
N CYS B 220 4.22 10.79 14.52
CA CYS B 220 5.16 11.77 13.97
C CYS B 220 5.44 12.96 14.87
N SER B 221 4.78 13.06 16.02
CA SER B 221 4.96 14.15 16.96
C SER B 221 4.00 13.99 18.13
N GLY B 222 4.46 14.27 19.35
CA GLY B 222 3.56 14.24 20.50
C GLY B 222 3.28 12.82 20.97
N TYR B 223 2.11 12.66 21.61
CA TYR B 223 1.69 11.41 22.25
C TYR B 223 0.35 10.97 21.66
N PRO B 224 0.33 10.56 20.40
CA PRO B 224 -0.93 10.16 19.78
C PRO B 224 -1.43 8.78 20.22
N ASN B 225 -2.75 8.61 20.13
CA ASN B 225 -3.35 7.30 20.20
C ASN B 225 -3.19 6.65 18.83
N MET B 226 -2.32 5.66 18.74
CA MET B 226 -1.96 5.07 17.45
C MET B 226 -2.75 3.79 17.13
N ASP B 227 -3.66 3.37 18.00
CA ASP B 227 -4.48 2.21 17.68
C ASP B 227 -5.42 2.49 16.50
N LEU B 228 -5.50 1.54 15.56
CA LEU B 228 -6.43 1.65 14.45
C LEU B 228 -7.05 0.30 14.12
N ASP B 229 -8.35 0.20 14.32
CA ASP B 229 -9.10 -1.03 14.13
C ASP B 229 -9.95 -0.96 12.86
N CYS B 230 -9.87 -1.97 12.02
CA CYS B 230 -10.77 -2.06 10.88
C CYS B 230 -11.61 -3.34 10.96
N LEU B 231 -12.74 -3.33 10.25
CA LEU B 231 -13.71 -4.43 10.32
C LEU B 231 -13.36 -5.56 9.35
N LEU B 232 -12.63 -5.24 8.26
CA LEU B 232 -12.23 -6.17 7.24
C LEU B 232 -10.84 -5.80 6.73
N PRO B 233 -9.94 -6.75 6.54
CA PRO B 233 -8.70 -6.46 5.82
C PRO B 233 -8.98 -5.93 4.41
N GLN B 234 -8.08 -5.08 3.90
CA GLN B 234 -8.26 -4.58 2.53
C GLN B 234 -8.28 -5.71 1.51
N GLU B 235 -7.51 -6.78 1.75
CA GLU B 235 -7.51 -7.89 0.81
C GLU B 235 -8.84 -8.63 0.79
N TRP B 236 -9.58 -8.64 1.92
CA TRP B 236 -10.92 -9.23 1.93
C TRP B 236 -11.90 -8.38 1.11
N VAL B 237 -11.82 -7.05 1.22
CA VAL B 237 -12.62 -6.16 0.37
C VAL B 237 -12.36 -6.46 -1.10
N GLN B 238 -11.08 -6.51 -1.50
CA GLN B 238 -10.74 -6.82 -2.89
C GLN B 238 -11.32 -8.17 -3.31
N HIS B 239 -11.23 -9.17 -2.44
CA HIS B 239 -11.67 -10.51 -2.78
C HIS B 239 -13.18 -10.59 -2.98
N PHE B 240 -13.97 -10.04 -2.03
CA PHE B 240 -15.42 -10.10 -2.14
C PHE B 240 -15.89 -9.32 -3.35
N TYR B 241 -15.27 -8.16 -3.62
CA TYR B 241 -15.67 -7.37 -4.78
C TYR B 241 -15.53 -8.16 -6.07
N GLN B 242 -14.42 -8.88 -6.22
CA GLN B 242 -14.18 -9.64 -7.46
C GLN B 242 -15.06 -10.88 -7.54
N GLU B 243 -15.17 -11.62 -6.44
CA GLU B 243 -15.88 -12.91 -6.47
C GLU B 243 -17.39 -12.75 -6.56
N ALA B 244 -17.96 -11.83 -5.76
CA ALA B 244 -19.41 -11.63 -5.71
C ALA B 244 -20.15 -12.95 -5.56
N ALA B 245 -19.69 -13.76 -4.63
CA ALA B 245 -20.31 -15.06 -4.38
C ALA B 245 -21.62 -14.87 -3.61
N PRO B 246 -22.70 -15.53 -4.03
CA PRO B 246 -23.98 -15.33 -3.35
C PRO B 246 -23.93 -15.79 -1.90
N ALA B 247 -24.56 -15.01 -1.03
CA ALA B 247 -24.75 -15.43 0.35
C ALA B 247 -25.91 -16.41 0.45
N GLN B 248 -25.69 -17.52 1.14
CA GLN B 248 -26.74 -18.50 1.39
C GLN B 248 -27.37 -18.38 2.77
N SER B 249 -26.91 -17.45 3.60
CA SER B 249 -27.56 -17.05 4.83
C SER B 249 -27.00 -15.69 5.24
N ASP B 250 -27.38 -15.21 6.42
CA ASP B 250 -26.86 -13.93 6.90
C ASP B 250 -25.49 -14.04 7.56
N VAL B 251 -24.99 -15.25 7.82
CA VAL B 251 -23.80 -15.45 8.65
C VAL B 251 -22.93 -16.56 8.06
N ALA B 252 -21.68 -16.21 7.72
CA ALA B 252 -20.69 -17.18 7.27
C ALA B 252 -19.83 -17.57 8.47
N LEU B 253 -19.77 -18.86 8.76
CA LEU B 253 -18.93 -19.36 9.86
C LEU B 253 -17.51 -19.53 9.34
N LEU B 254 -16.56 -18.85 10.00
CA LEU B 254 -15.15 -18.98 9.69
C LEU B 254 -14.43 -19.65 10.84
N ARG B 255 -13.41 -20.41 10.49
CA ARG B 255 -12.48 -21.01 11.43
C ARG B 255 -11.08 -20.47 11.20
N PHE B 256 -10.38 -20.14 12.29
CA PHE B 256 -8.99 -19.69 12.26
C PHE B 256 -8.09 -20.88 12.59
N VAL B 257 -7.23 -21.26 11.65
CA VAL B 257 -6.50 -22.53 11.64
C VAL B 257 -5.01 -22.28 11.85
N ASN B 258 -4.38 -23.11 12.71
CA ASN B 258 -2.93 -23.12 12.85
C ASN B 258 -2.35 -24.21 11.93
N PRO B 259 -1.68 -23.87 10.83
CA PRO B 259 -1.17 -24.92 9.93
C PRO B 259 -0.10 -25.81 10.55
N ASP B 260 0.61 -25.33 11.58
CA ASP B 260 1.64 -26.15 12.22
C ASP B 260 1.06 -27.44 12.78
N THR B 261 -0.20 -27.42 13.20
CA THR B 261 -0.88 -28.55 13.81
C THR B 261 -2.15 -28.98 13.07
N GLY B 262 -2.65 -28.14 12.17
CA GLY B 262 -3.92 -28.39 11.51
C GLY B 262 -5.14 -28.09 12.34
N ARG B 263 -4.95 -27.59 13.55
CA ARG B 263 -6.05 -27.41 14.48
C ARG B 263 -6.64 -26.00 14.45
N VAL B 264 -7.94 -25.94 14.70
CA VAL B 264 -8.69 -24.69 14.78
C VAL B 264 -8.40 -24.03 16.13
N LEU B 265 -7.99 -22.76 16.08
CA LEU B 265 -7.76 -21.99 17.30
C LEU B 265 -9.05 -21.35 17.81
N PHE B 266 -9.87 -20.78 16.93
CA PHE B 266 -11.16 -20.21 17.31
C PHE B 266 -12.03 -20.15 16.07
N GLU B 267 -13.33 -19.95 16.27
CA GLU B 267 -14.27 -19.73 15.19
C GLU B 267 -14.98 -18.39 15.40
N CYS B 268 -15.51 -17.84 14.30
CA CYS B 268 -16.10 -16.50 14.32
C CYS B 268 -17.18 -16.43 13.25
N LYS B 269 -18.02 -15.40 13.33
CA LYS B 269 -19.10 -15.19 12.37
C LYS B 269 -18.74 -14.02 11.48
N LEU B 270 -18.72 -14.22 10.17
CA LEU B 270 -18.61 -13.12 9.20
C LEU B 270 -20.01 -12.79 8.73
N HIS B 271 -20.52 -11.64 9.15
CA HIS B 271 -21.86 -11.22 8.78
C HIS B 271 -21.89 -10.75 7.33
N LYS B 272 -23.01 -11.07 6.64
CA LYS B 272 -23.15 -10.75 5.22
C LYS B 272 -22.88 -9.27 4.93
N SER B 273 -23.26 -8.37 5.84
CA SER B 273 -23.09 -6.94 5.63
C SER B 273 -21.66 -6.46 5.91
N GLY B 274 -20.76 -7.33 6.33
CA GLY B 274 -19.33 -7.05 6.28
C GLY B 274 -18.63 -6.75 7.59
N TYR B 275 -18.77 -7.61 8.60
CA TYR B 275 -18.03 -7.47 9.86
C TYR B 275 -18.02 -8.83 10.55
N VAL B 276 -17.15 -8.96 11.55
CA VAL B 276 -16.90 -10.23 12.22
C VAL B 276 -17.22 -10.12 13.71
N THR B 277 -17.82 -11.18 14.28
CA THR B 277 -18.01 -11.27 15.72
C THR B 277 -17.46 -12.59 16.26
N VAL B 278 -17.13 -12.58 17.55
CA VAL B 278 -16.61 -13.73 18.30
C VAL B 278 -17.39 -13.82 19.61
N ALA B 279 -17.34 -15.01 20.21
CA ALA B 279 -17.92 -15.23 21.54
C ALA B 279 -16.88 -14.91 22.59
N HIS B 280 -16.93 -13.70 23.13
CA HIS B 280 -16.00 -13.28 24.16
C HIS B 280 -16.64 -12.11 24.89
N THR B 281 -16.30 -11.96 26.17
CA THR B 281 -16.72 -10.83 26.98
C THR B 281 -15.46 -10.25 27.64
N GLY B 282 -15.15 -9.00 27.32
CA GLY B 282 -14.00 -8.32 27.88
C GLY B 282 -13.02 -7.92 26.79
N GLN B 283 -12.04 -7.11 27.20
CA GLN B 283 -10.98 -6.65 26.30
C GLN B 283 -9.88 -7.70 26.22
N HIS B 284 -9.53 -8.11 25.00
CA HIS B 284 -8.57 -9.20 24.82
C HIS B 284 -7.75 -9.00 23.56
N ASP B 285 -6.43 -9.01 23.71
CA ASP B 285 -5.48 -9.15 22.60
C ASP B 285 -5.31 -10.63 22.25
N LEU B 286 -5.74 -11.04 21.06
CA LEU B 286 -5.62 -12.45 20.72
C LEU B 286 -4.16 -12.82 20.55
N VAL B 287 -3.78 -13.96 21.10
CA VAL B 287 -2.47 -14.55 20.88
C VAL B 287 -2.62 -15.59 19.78
N ILE B 288 -2.01 -15.35 18.63
CA ILE B 288 -2.15 -16.24 17.47
C ILE B 288 -0.80 -16.72 16.95
N PRO B 289 -0.75 -17.90 16.34
CA PRO B 289 0.44 -18.26 15.59
C PRO B 289 0.57 -17.37 14.37
N PRO B 290 1.80 -16.95 14.02
CA PRO B 290 1.96 -16.00 12.90
C PRO B 290 1.58 -16.57 11.54
N ASN B 291 1.53 -17.89 11.37
N ASN B 291 1.53 -17.90 11.38
CA ASN B 291 1.12 -18.48 10.10
CA ASN B 291 1.13 -18.53 10.13
C ASN B 291 -0.32 -18.97 10.13
C ASN B 291 -0.36 -18.85 10.08
N GLY B 292 -1.12 -18.54 11.12
CA GLY B 292 -2.53 -18.85 11.11
C GLY B 292 -3.30 -18.12 10.03
N TYR B 293 -4.45 -18.70 9.65
CA TYR B 293 -5.28 -18.12 8.61
C TYR B 293 -6.74 -18.43 8.87
N PHE B 294 -7.60 -17.67 8.18
CA PHE B 294 -9.05 -17.84 8.23
C PHE B 294 -9.52 -18.73 7.08
N ARG B 295 -10.57 -19.51 7.33
CA ARG B 295 -11.17 -20.42 6.37
C ARG B 295 -12.68 -20.43 6.51
N PHE B 296 -13.40 -20.21 5.39
CA PHE B 296 -14.85 -20.35 5.41
C PHE B 296 -15.24 -21.82 5.46
N ASP B 297 -16.13 -22.18 6.38
CA ASP B 297 -16.64 -23.54 6.52
C ASP B 297 -18.11 -23.69 6.12
N SER B 298 -19.01 -22.84 6.57
CA SER B 298 -20.42 -23.07 6.23
C SER B 298 -21.24 -21.82 6.51
N TRP B 299 -22.39 -21.73 5.83
CA TRP B 299 -23.42 -20.73 6.14
C TRP B 299 -24.29 -21.23 7.28
N VAL B 300 -24.51 -20.39 8.30
CA VAL B 300 -25.29 -20.81 9.47
C VAL B 300 -26.46 -19.84 9.68
N ASN B 301 -27.43 -20.29 10.49
CA ASN B 301 -28.64 -19.52 10.76
C ASN B 301 -28.37 -18.44 11.81
N GLN B 302 -29.43 -17.70 12.14
CA GLN B 302 -29.32 -16.53 12.99
C GLN B 302 -29.10 -16.88 14.47
N PHE B 303 -29.32 -18.13 14.84
CA PHE B 303 -29.26 -18.56 16.23
C PHE B 303 -28.10 -19.52 16.50
N TYR B 304 -27.03 -19.43 15.71
CA TYR B 304 -25.87 -20.30 15.90
C TYR B 304 -25.00 -19.77 17.04
N THR B 305 -24.69 -20.61 18.02
CA THR B 305 -23.87 -20.22 19.16
C THR B 305 -22.42 -20.63 18.90
N LEU B 306 -21.52 -19.65 18.90
CA LEU B 306 -20.10 -19.92 18.73
C LEU B 306 -19.48 -20.57 19.97
N ALA B 307 -18.47 -21.41 19.74
CA ALA B 307 -17.63 -21.85 20.83
C ALA B 307 -16.85 -20.67 21.38
N PRO B 308 -16.75 -20.54 22.70
CA PRO B 308 -16.05 -19.38 23.25
C PRO B 308 -14.65 -19.21 22.66
N MET B 309 -14.35 -17.98 22.26
N MET B 309 -14.33 -17.96 22.35
CA MET B 309 -13.15 -17.67 21.48
CA MET B 309 -13.00 -17.56 21.91
C MET B 309 -11.91 -18.17 22.19
C MET B 309 -12.09 -17.45 23.14
C1 MFU C . 7.95 16.12 19.17
C2 MFU C . 9.23 15.32 19.01
C3 MFU C . 9.93 15.10 20.29
C4 MFU C . 9.02 14.47 21.31
C5 MFU C . 7.72 15.25 21.43
C6 MFU C . 6.82 14.52 22.36
O1 MFU C . 8.21 17.37 19.67
O2 MFU C . 10.09 16.03 18.11
O3 MFU C . 11.09 14.24 20.10
O4 MFU C . 8.71 13.12 20.97
O5 MFU C . 7.06 15.43 20.12
CM MFU C . 7.06 18.08 20.07
H1 MFU C . 7.53 16.24 18.30
H2 MFU C . 9.01 14.45 18.64
H3 MFU C . 10.25 15.94 20.63
H4 MFU C . 9.47 14.44 22.17
H5 MFU C . 7.91 16.14 21.80
H61 MFU C . 6.04 15.08 22.55
H62 MFU C . 6.53 13.70 21.94
H63 MFU C . 7.28 14.33 23.18
HO2 MFU C . 9.69 16.16 17.36
HO3 MFU C . 11.57 14.55 19.47
HO4 MFU C . 8.26 12.75 21.59
HM1 MFU C . 7.32 18.91 20.50
HM2 MFU C . 6.53 18.30 19.27
HM3 MFU C . 6.54 17.55 20.67
MG MG D . -3.12 -9.33 -29.77
C1 MFU E . 13.55 21.57 -5.53
C2 MFU E . 12.17 22.20 -5.41
C3 MFU E . 11.98 23.32 -6.38
C4 MFU E . 12.27 22.87 -7.78
C5 MFU E . 13.62 22.16 -7.91
C6 MFU E . 13.81 21.52 -9.26
O1 MFU E . 14.50 22.50 -5.22
O2 MFU E . 12.05 22.72 -4.08
O3 MFU E . 10.60 23.81 -6.34
O4 MFU E . 11.21 22.01 -8.22
O5 MFU E . 13.81 21.09 -6.92
CM MFU E . 15.83 22.07 -5.43
H1 MFU E . 13.61 20.84 -4.90
H2 MFU E . 11.48 21.54 -5.57
H3 MFU E . 12.58 24.03 -6.12
H4 MFU E . 12.29 23.64 -8.37
H5 MFU E . 14.29 22.86 -7.81
H61 MFU E . 14.69 21.13 -9.32
H62 MFU E . 13.15 20.82 -9.39
H63 MFU E . 13.70 22.19 -9.96
HO2 MFU E . 12.13 22.08 -3.52
HO3 MFU E . 10.44 24.11 -5.56
HO4 MFU E . 11.43 21.64 -8.95
HM1 MFU E . 16.45 22.80 -5.28
HM2 MFU E . 16.05 21.35 -4.81
HM3 MFU E . 15.94 21.75 -6.35
MG MG F . -14.02 -20.46 19.23
#